data_6LGG
#
_entry.id   6LGG
#
_cell.length_a   64.700
_cell.length_b   127.900
_cell.length_c   154.300
_cell.angle_alpha   90.000
_cell.angle_beta   90.000
_cell.angle_gamma   90.000
#
_symmetry.space_group_name_H-M   'P 21 21 21'
#
loop_
_entity.id
_entity.type
_entity.pdbx_description
1 polymer 'Sucrose hydrolase'
2 branched beta-D-fructofuranose-(2-1)-alpha-D-glucopyranose
3 non-polymer 'MAGNESIUM ION'
4 non-polymer 'CALCIUM ION'
5 water water
#
_entity_poly.entity_id   1
_entity_poly.type   'polypeptide(L)'
_entity_poly.pdbx_seq_one_letter_code
;MGSSHHHHHHSSGLVPRGSHMSNQNAPTPPPTEVIQLDWWKNCVLYQIYPRSFKDSDGDGIGDLKGIISELKHFVDAGVD
AIWMSPIFESPMVDFGYDISNFYDIHYEYGTMEDFEELLDKAHELGLKVLLDFVPNHASNESEYFIKSEAREPGYENFFI
WADPLPNPENPGVRLPPSNWVSQFGGSAWEWSEKRQQYYLHQFAIQQVDFDFRNPAVKQEMFNIMKFWLDKGADGFRLDA
LPYLIEADPADHEGRYPDDPLSGLTQFESHQLGYTIPLYTKDLIELYDVVYEWREFLDEYNKNHGGDTRVVFSQGYANVS
MTMLYYGNEDGAIGAHFPFNFDFITDLSSKSNARDFVYIILRWLTYMPYGGIPNWVFGNHDNNRMPTRFRHDMVDGLNII
NMLLPGVAVTYQGEEIGMRDGYVSWEDTVDIEACNRGDPDTYHLYSRDPARTPYHWDNSTSAGFSTSTNTWLPVAEDYQE
INLAKQKETARSHFKNYQALTKLRKQATLSHGEYDIRALSDRTFYLVRSLPTHDTYVLLFNVSERRDTVDLGRVPHLTLP
ATVYVSSIHSARLAGHEITSSQLSLEAGEALVLKAQPI
;
_entity_poly.pdbx_strand_id   A,B
#
# COMPACT_ATOMS: atom_id res chain seq x y z
N ILE A 35 18.33 -2.58 29.98
CA ILE A 35 17.97 -3.98 30.41
C ILE A 35 18.29 -4.91 29.23
N GLN A 36 18.84 -6.09 29.50
CA GLN A 36 19.20 -7.03 28.40
C GLN A 36 17.96 -7.80 27.97
N LEU A 37 17.81 -7.95 26.66
CA LEU A 37 16.62 -8.55 26.01
C LEU A 37 16.72 -10.07 26.05
N ASP A 38 15.58 -10.74 26.23
CA ASP A 38 15.49 -12.20 25.93
C ASP A 38 16.08 -12.44 24.53
N TRP A 39 16.77 -13.58 24.36
CA TRP A 39 17.63 -13.90 23.17
C TRP A 39 16.88 -13.68 21.85
N TRP A 40 15.60 -14.01 21.79
CA TRP A 40 14.78 -14.07 20.54
C TRP A 40 14.32 -12.67 20.09
N LYS A 41 14.54 -11.60 20.89
CA LYS A 41 14.03 -10.24 20.58
C LYS A 41 14.99 -9.49 19.65
N ASN A 42 16.28 -9.86 19.61
CA ASN A 42 17.24 -9.29 18.63
C ASN A 42 18.24 -10.34 18.13
N CYS A 43 17.87 -11.61 18.06
CA CYS A 43 18.76 -12.66 17.48
C CYS A 43 18.95 -12.38 15.97
N VAL A 44 20.10 -12.77 15.47
CA VAL A 44 20.31 -13.06 14.01
C VAL A 44 19.87 -14.52 13.85
N LEU A 45 18.84 -14.75 13.03
CA LEU A 45 18.28 -16.08 12.73
C LEU A 45 18.71 -16.49 11.32
N TYR A 46 19.36 -17.63 11.17
CA TYR A 46 19.87 -18.16 9.88
C TYR A 46 19.06 -19.40 9.54
N GLN A 47 18.41 -19.40 8.38
CA GLN A 47 17.68 -20.58 7.87
C GLN A 47 18.68 -21.48 7.14
N ILE A 48 18.82 -22.70 7.64
CA ILE A 48 19.57 -23.80 6.95
C ILE A 48 18.58 -24.58 6.09
N TYR A 49 18.90 -24.77 4.82
CA TYR A 49 18.26 -25.79 3.96
C TYR A 49 19.17 -27.02 3.93
N PRO A 50 18.94 -28.00 4.85
CA PRO A 50 19.88 -29.08 5.11
C PRO A 50 20.36 -29.82 3.86
N ARG A 51 19.43 -30.16 2.95
CA ARG A 51 19.75 -30.88 1.69
C ARG A 51 20.81 -30.11 0.89
N SER A 52 21.05 -28.81 1.11
CA SER A 52 21.98 -28.02 0.26
C SER A 52 23.09 -27.33 1.07
N PHE A 53 23.17 -27.61 2.35
CA PHE A 53 24.14 -26.92 3.25
C PHE A 53 25.52 -27.62 3.14
N LYS A 54 25.66 -28.80 3.75
CA LYS A 54 26.95 -29.57 3.71
C LYS A 54 26.69 -31.08 3.62
N ASP A 55 27.24 -31.68 2.56
CA ASP A 55 27.31 -33.17 2.33
C ASP A 55 28.58 -33.72 2.98
N SER A 56 28.41 -34.52 4.05
CA SER A 56 29.51 -35.13 4.83
C SER A 56 29.85 -36.54 4.30
N ASP A 57 29.13 -37.08 3.32
CA ASP A 57 29.25 -38.53 2.97
C ASP A 57 29.14 -38.80 1.46
N GLY A 58 29.57 -37.84 0.62
CA GLY A 58 29.76 -37.96 -0.83
C GLY A 58 28.58 -38.56 -1.59
N ASP A 59 27.34 -38.45 -1.09
CA ASP A 59 26.11 -38.89 -1.81
C ASP A 59 25.47 -37.71 -2.55
N GLY A 60 26.03 -36.49 -2.44
CA GLY A 60 25.54 -35.31 -3.20
C GLY A 60 24.37 -34.63 -2.49
N ILE A 61 24.06 -35.10 -1.28
CA ILE A 61 22.87 -34.70 -0.48
C ILE A 61 23.38 -34.14 0.84
N GLY A 62 23.03 -32.90 1.20
CA GLY A 62 23.42 -32.33 2.49
C GLY A 62 22.86 -33.15 3.64
N ASP A 63 23.52 -33.14 4.79
CA ASP A 63 23.09 -34.04 5.89
C ASP A 63 23.47 -33.41 7.23
N LEU A 64 23.06 -34.03 8.35
CA LEU A 64 23.25 -33.52 9.74
C LEU A 64 24.72 -33.51 10.15
N LYS A 65 25.48 -34.57 9.84
CA LYS A 65 26.93 -34.59 10.11
C LYS A 65 27.56 -33.40 9.41
N GLY A 66 27.17 -33.13 8.17
CA GLY A 66 27.58 -31.94 7.39
C GLY A 66 27.37 -30.62 8.14
N ILE A 67 26.16 -30.40 8.67
CA ILE A 67 25.84 -29.18 9.47
C ILE A 67 26.74 -29.16 10.73
N ILE A 68 26.80 -30.29 11.45
CA ILE A 68 27.62 -30.43 12.69
C ILE A 68 29.04 -29.98 12.35
N SER A 69 29.57 -30.45 11.24
CA SER A 69 30.94 -30.13 10.78
C SER A 69 31.11 -28.62 10.59
N GLU A 70 30.04 -27.87 10.36
CA GLU A 70 30.22 -26.42 10.07
C GLU A 70 29.44 -25.56 11.07
N LEU A 71 29.12 -26.05 12.27
CA LEU A 71 28.44 -25.21 13.29
C LEU A 71 29.30 -23.98 13.61
N LYS A 72 30.62 -24.10 13.53
CA LYS A 72 31.57 -22.99 13.85
C LYS A 72 31.31 -21.81 12.89
N HIS A 73 30.76 -22.07 11.70
CA HIS A 73 30.46 -21.01 10.69
C HIS A 73 29.46 -20.01 11.27
N PHE A 74 28.51 -20.48 12.05
CA PHE A 74 27.45 -19.62 12.63
C PHE A 74 28.11 -18.70 13.65
N VAL A 75 29.01 -19.22 14.48
CA VAL A 75 29.75 -18.39 15.48
C VAL A 75 30.60 -17.38 14.72
N ASP A 76 31.30 -17.80 13.66
CA ASP A 76 32.16 -16.90 12.85
C ASP A 76 31.33 -15.75 12.24
N ALA A 77 30.13 -16.07 11.73
CA ALA A 77 29.23 -15.14 11.02
C ALA A 77 28.56 -14.16 11.99
N GLY A 78 28.45 -14.53 13.29
CA GLY A 78 27.70 -13.80 14.33
C GLY A 78 26.21 -14.11 14.28
N VAL A 79 25.85 -15.32 13.87
CA VAL A 79 24.48 -15.88 13.92
C VAL A 79 24.22 -16.36 15.34
N ASP A 80 23.02 -16.12 15.86
CA ASP A 80 22.63 -16.49 17.25
C ASP A 80 21.81 -17.77 17.26
N ALA A 81 21.05 -18.01 16.21
CA ALA A 81 19.99 -19.04 16.16
C ALA A 81 19.95 -19.63 14.75
N ILE A 82 19.73 -20.94 14.64
CA ILE A 82 19.56 -21.58 13.31
C ILE A 82 18.19 -22.24 13.33
N TRP A 83 17.49 -22.14 12.21
CA TRP A 83 16.34 -23.04 11.98
C TRP A 83 16.64 -23.83 10.72
N MET A 84 16.30 -25.11 10.78
CA MET A 84 16.50 -26.00 9.65
C MET A 84 15.13 -26.25 9.02
N SER A 85 15.07 -26.17 7.71
CA SER A 85 13.97 -26.74 6.89
C SER A 85 13.80 -28.22 7.31
N PRO A 86 12.67 -28.87 6.97
CA PRO A 86 12.34 -30.18 7.56
C PRO A 86 13.39 -31.29 7.38
N ILE A 87 13.59 -32.02 8.47
CA ILE A 87 14.57 -33.13 8.56
C ILE A 87 13.89 -34.41 9.05
N PHE A 88 12.56 -34.46 9.13
CA PHE A 88 11.79 -35.65 9.61
C PHE A 88 11.55 -36.61 8.44
N GLU A 89 11.26 -37.87 8.78
CA GLU A 89 11.09 -38.97 7.79
C GLU A 89 10.10 -38.49 6.74
N SER A 90 10.49 -38.57 5.48
CA SER A 90 9.70 -37.97 4.39
C SER A 90 10.02 -38.68 3.10
N PRO A 91 9.00 -39.05 2.28
CA PRO A 91 9.24 -39.50 0.93
C PRO A 91 9.95 -38.51 0.00
N MET A 92 10.15 -37.25 0.43
CA MET A 92 10.89 -36.22 -0.34
C MET A 92 10.14 -35.75 -1.62
N VAL A 93 8.82 -35.95 -1.72
CA VAL A 93 8.00 -35.40 -2.84
C VAL A 93 8.14 -33.87 -2.82
N ASP A 94 8.09 -33.27 -1.63
CA ASP A 94 8.29 -31.79 -1.46
C ASP A 94 9.50 -31.56 -0.54
N PHE A 95 10.52 -32.40 -0.70
CA PHE A 95 11.83 -32.30 -0.02
C PHE A 95 11.65 -31.96 1.46
N GLY A 96 10.81 -32.73 2.15
CA GLY A 96 10.70 -32.76 3.62
C GLY A 96 9.38 -32.19 4.12
N TYR A 97 8.67 -31.41 3.30
CA TYR A 97 7.38 -30.78 3.72
C TYR A 97 6.26 -31.82 3.58
N ASP A 98 6.57 -32.99 3.04
CA ASP A 98 5.69 -34.19 3.07
C ASP A 98 6.28 -35.19 4.07
N ILE A 99 5.79 -35.16 5.32
CA ILE A 99 6.35 -35.89 6.49
C ILE A 99 5.50 -37.14 6.73
N SER A 100 6.18 -38.28 6.74
CA SER A 100 5.54 -39.62 6.94
C SER A 100 5.74 -40.10 8.39
N ASN A 101 6.72 -39.55 9.11
CA ASN A 101 6.84 -39.81 10.57
C ASN A 101 7.40 -38.55 11.25
N PHE A 102 6.61 -37.92 12.13
CA PHE A 102 6.90 -36.59 12.77
C PHE A 102 7.87 -36.78 13.94
N TYR A 103 8.28 -38.02 14.22
CA TYR A 103 9.04 -38.36 15.44
C TYR A 103 10.40 -38.97 15.13
N ASP A 104 10.88 -38.93 13.90
CA ASP A 104 12.22 -39.50 13.59
C ASP A 104 12.84 -38.78 12.40
N ILE A 105 14.16 -38.95 12.27
CA ILE A 105 15.01 -38.22 11.30
C ILE A 105 14.92 -38.95 9.96
N HIS A 106 14.97 -38.19 8.88
CA HIS A 106 15.04 -38.67 7.48
C HIS A 106 16.40 -39.30 7.27
N TYR A 107 16.39 -40.54 6.78
CA TYR A 107 17.57 -41.40 6.73
C TYR A 107 18.68 -40.69 5.93
N GLU A 108 18.36 -40.05 4.79
CA GLU A 108 19.39 -39.37 3.99
C GLU A 108 20.08 -38.25 4.79
N TYR A 109 19.45 -37.71 5.84
CA TYR A 109 20.06 -36.62 6.66
C TYR A 109 20.82 -37.23 7.84
N GLY A 110 20.34 -38.36 8.36
CA GLY A 110 21.06 -39.15 9.37
C GLY A 110 20.13 -39.78 10.37
N THR A 111 20.53 -39.80 11.64
CA THR A 111 19.80 -40.54 12.69
C THR A 111 19.42 -39.60 13.83
N MET A 112 18.55 -40.10 14.71
CA MET A 112 18.15 -39.45 15.98
C MET A 112 19.41 -39.09 16.78
N GLU A 113 20.46 -39.90 16.65
CA GLU A 113 21.74 -39.75 17.39
C GLU A 113 22.49 -38.55 16.82
N ASP A 114 22.60 -38.45 15.47
CA ASP A 114 23.20 -37.29 14.75
C ASP A 114 22.47 -36.00 15.15
N PHE A 115 21.15 -36.03 15.18
CA PHE A 115 20.32 -34.87 15.58
C PHE A 115 20.68 -34.46 17.02
N GLU A 116 20.71 -35.44 17.93
CA GLU A 116 21.04 -35.22 19.36
C GLU A 116 22.43 -34.58 19.48
N GLU A 117 23.36 -35.01 18.63
CA GLU A 117 24.76 -34.51 18.58
C GLU A 117 24.76 -33.08 18.03
N LEU A 118 23.92 -32.83 17.01
CA LEU A 118 23.82 -31.46 16.41
C LEU A 118 23.34 -30.50 17.50
N LEU A 119 22.31 -30.90 18.26
CA LEU A 119 21.71 -30.08 19.36
C LEU A 119 22.75 -29.83 20.45
N ASP A 120 23.45 -30.89 20.84
CA ASP A 120 24.51 -30.84 21.88
C ASP A 120 25.60 -29.86 21.45
N LYS A 121 26.17 -30.01 20.26
CA LYS A 121 27.32 -29.18 19.85
C LYS A 121 26.88 -27.73 19.55
N ALA A 122 25.66 -27.52 19.03
CA ALA A 122 25.14 -26.17 18.77
C ALA A 122 24.99 -25.44 20.11
N HIS A 123 24.33 -26.04 21.11
CA HIS A 123 24.18 -25.46 22.47
C HIS A 123 25.56 -25.21 23.09
N GLU A 124 26.54 -26.09 22.86
CA GLU A 124 27.92 -25.95 23.42
C GLU A 124 28.50 -24.64 22.87
N LEU A 125 28.32 -24.41 21.58
CA LEU A 125 28.79 -23.19 20.87
C LEU A 125 27.91 -21.95 21.20
N GLY A 126 26.85 -22.07 22.01
CA GLY A 126 25.97 -20.94 22.40
C GLY A 126 24.81 -20.67 21.42
N LEU A 127 24.56 -21.54 20.45
CA LEU A 127 23.53 -21.33 19.40
C LEU A 127 22.20 -21.89 19.86
N LYS A 128 21.11 -21.30 19.40
CA LYS A 128 19.73 -21.82 19.58
C LYS A 128 19.37 -22.59 18.30
N VAL A 129 18.52 -23.61 18.41
CA VAL A 129 18.21 -24.49 17.25
C VAL A 129 16.70 -24.67 17.19
N LEU A 130 16.10 -24.23 16.08
CA LEU A 130 14.65 -24.40 15.84
C LEU A 130 14.45 -25.43 14.72
N LEU A 131 13.37 -26.20 14.87
CA LEU A 131 12.93 -27.26 13.92
C LEU A 131 11.73 -26.74 13.12
N ASP A 132 11.67 -27.16 11.85
CA ASP A 132 10.59 -26.81 10.91
C ASP A 132 9.46 -27.81 11.13
N PHE A 133 8.40 -27.33 11.76
CA PHE A 133 7.17 -28.06 12.09
C PHE A 133 6.13 -27.77 11.00
N VAL A 134 5.50 -28.83 10.48
CA VAL A 134 4.64 -28.74 9.27
C VAL A 134 3.26 -29.25 9.65
N PRO A 135 2.44 -28.42 10.34
CA PRO A 135 1.19 -28.90 10.94
C PRO A 135 0.05 -29.03 9.93
N ASN A 136 0.11 -28.33 8.79
CA ASN A 136 -1.07 -28.31 7.89
C ASN A 136 -1.34 -29.73 7.37
N HIS A 137 -0.30 -30.52 7.13
CA HIS A 137 -0.45 -31.75 6.29
C HIS A 137 0.59 -32.80 6.67
N ALA A 138 0.24 -34.05 6.33
CA ALA A 138 1.11 -35.25 6.43
C ALA A 138 1.21 -35.88 5.03
N SER A 139 2.35 -36.53 4.79
CA SER A 139 2.57 -37.50 3.69
C SER A 139 1.39 -38.49 3.63
N ASN A 140 0.97 -38.83 2.42
CA ASN A 140 0.06 -39.97 2.20
C ASN A 140 0.75 -41.28 2.61
N GLU A 141 2.06 -41.28 2.91
CA GLU A 141 2.77 -42.49 3.42
C GLU A 141 2.87 -42.44 4.94
N SER A 142 2.19 -41.49 5.59
CA SER A 142 2.13 -41.44 7.07
C SER A 142 1.14 -42.51 7.54
N GLU A 143 1.35 -43.05 8.74
CA GLU A 143 0.44 -44.03 9.38
C GLU A 143 -0.88 -43.30 9.64
N TYR A 144 -0.85 -42.03 10.06
CA TYR A 144 -2.09 -41.22 10.22
C TYR A 144 -2.96 -41.43 8.97
N PHE A 145 -2.38 -41.30 7.77
CA PHE A 145 -3.18 -41.27 6.51
C PHE A 145 -3.68 -42.69 6.19
N ILE A 146 -2.76 -43.66 6.20
CA ILE A 146 -3.08 -45.11 5.97
C ILE A 146 -4.22 -45.52 6.92
N LYS A 147 -4.13 -45.22 8.22
CA LYS A 147 -5.21 -45.58 9.18
C LYS A 147 -6.48 -44.82 8.80
N SER A 148 -6.36 -43.53 8.43
CA SER A 148 -7.54 -42.69 8.12
C SER A 148 -8.24 -43.25 6.88
N GLU A 149 -7.46 -43.55 5.84
CA GLU A 149 -7.99 -44.03 4.54
C GLU A 149 -8.80 -45.32 4.77
N ALA A 150 -8.28 -46.20 5.63
CA ALA A 150 -8.89 -47.50 6.02
C ALA A 150 -10.02 -47.34 7.04
N ARG A 151 -10.26 -46.13 7.53
CA ARG A 151 -11.38 -45.79 8.45
C ARG A 151 -11.14 -46.47 9.82
N GLU A 152 -9.89 -46.76 10.17
CA GLU A 152 -9.51 -47.24 11.53
C GLU A 152 -10.10 -46.29 12.57
N PRO A 153 -10.73 -46.81 13.65
CA PRO A 153 -11.46 -45.95 14.60
C PRO A 153 -10.52 -44.90 15.21
N GLY A 154 -11.02 -43.68 15.42
CA GLY A 154 -10.25 -42.56 15.99
C GLY A 154 -9.27 -41.95 14.98
N TYR A 155 -9.25 -42.44 13.73
CA TYR A 155 -8.45 -41.85 12.61
C TYR A 155 -9.35 -41.48 11.41
N GLU A 156 -10.66 -41.75 11.49
CA GLU A 156 -11.58 -41.63 10.33
C GLU A 156 -11.62 -40.17 9.91
N ASN A 157 -11.61 -39.27 10.91
CA ASN A 157 -11.79 -37.81 10.73
C ASN A 157 -10.45 -37.09 10.92
N PHE A 158 -9.33 -37.76 10.71
CA PHE A 158 -7.99 -37.15 10.90
C PHE A 158 -7.69 -36.21 9.73
N PHE A 159 -8.23 -36.51 8.55
CA PHE A 159 -8.07 -35.69 7.33
C PHE A 159 -9.46 -35.26 6.84
N ILE A 160 -9.47 -34.42 5.80
CA ILE A 160 -10.71 -33.84 5.24
C ILE A 160 -11.16 -34.79 4.13
N TRP A 161 -12.26 -35.49 4.38
CA TRP A 161 -12.82 -36.54 3.49
C TRP A 161 -14.20 -36.08 3.01
N ALA A 162 -14.49 -36.17 1.72
CA ALA A 162 -15.76 -35.67 1.19
C ALA A 162 -16.23 -36.49 -0.01
N ASP A 163 -17.52 -36.43 -0.26
CA ASP A 163 -18.18 -37.23 -1.32
C ASP A 163 -18.05 -36.48 -2.64
N PRO A 164 -18.11 -37.22 -3.77
CA PRO A 164 -18.11 -36.61 -5.09
C PRO A 164 -19.44 -35.90 -5.39
N LEU A 165 -19.40 -35.01 -6.37
CA LEU A 165 -20.64 -34.43 -6.96
C LEU A 165 -20.90 -35.16 -8.28
N PRO A 166 -22.17 -35.23 -8.71
CA PRO A 166 -22.50 -35.84 -9.99
C PRO A 166 -22.11 -34.87 -11.11
N ASN A 167 -21.89 -35.40 -12.30
CA ASN A 167 -21.39 -34.63 -13.47
C ASN A 167 -22.49 -34.53 -14.53
N PRO A 168 -23.03 -33.32 -14.82
CA PRO A 168 -24.13 -33.21 -15.78
C PRO A 168 -23.69 -33.50 -17.22
N GLU A 169 -22.47 -33.08 -17.61
CA GLU A 169 -21.86 -33.17 -18.97
C GLU A 169 -21.36 -34.58 -19.33
N ASN A 170 -20.87 -35.37 -18.36
CA ASN A 170 -20.59 -36.81 -18.55
C ASN A 170 -20.73 -37.48 -17.21
N PRO A 171 -21.86 -38.16 -16.93
CA PRO A 171 -22.11 -38.71 -15.58
C PRO A 171 -21.08 -39.72 -15.08
N GLY A 172 -20.35 -40.39 -15.99
CA GLY A 172 -19.29 -41.35 -15.64
C GLY A 172 -18.11 -40.70 -14.92
N VAL A 173 -17.89 -39.39 -15.13
CA VAL A 173 -16.68 -38.65 -14.68
C VAL A 173 -17.03 -37.92 -13.38
N ARG A 174 -16.59 -38.42 -12.23
CA ARG A 174 -16.99 -37.85 -10.93
C ARG A 174 -16.42 -36.42 -10.85
N LEU A 175 -17.14 -35.52 -10.20
CA LEU A 175 -16.66 -34.14 -9.92
C LEU A 175 -16.32 -34.03 -8.45
N PRO A 176 -15.30 -33.22 -8.11
CA PRO A 176 -14.85 -33.11 -6.73
C PRO A 176 -15.86 -32.33 -5.89
N PRO A 177 -15.70 -32.35 -4.55
CA PRO A 177 -16.64 -31.67 -3.67
C PRO A 177 -16.77 -30.15 -3.95
N SER A 178 -15.74 -29.54 -4.52
CA SER A 178 -15.68 -28.08 -4.78
C SER A 178 -14.60 -27.78 -5.82
N ASN A 179 -14.61 -26.54 -6.32
CA ASN A 179 -13.68 -26.04 -7.35
C ASN A 179 -12.32 -25.69 -6.73
N TRP A 180 -12.07 -26.01 -5.47
CA TRP A 180 -10.79 -25.56 -4.80
C TRP A 180 -9.55 -26.00 -5.62
N VAL A 181 -8.59 -25.11 -5.73
CA VAL A 181 -7.32 -25.27 -6.48
C VAL A 181 -6.15 -25.42 -5.52
N SER A 182 -5.32 -26.43 -5.79
CA SER A 182 -4.06 -26.73 -5.06
C SER A 182 -3.04 -25.61 -5.35
N GLN A 183 -2.22 -25.28 -4.37
CA GLN A 183 -1.14 -24.28 -4.54
C GLN A 183 -0.16 -24.82 -5.61
N PHE A 184 -0.14 -26.14 -5.84
CA PHE A 184 0.80 -26.79 -6.78
C PHE A 184 0.09 -27.19 -8.08
N GLY A 185 -1.11 -26.66 -8.33
CA GLY A 185 -1.84 -26.85 -9.60
C GLY A 185 -2.79 -28.03 -9.52
N GLY A 186 -3.89 -27.98 -10.28
CA GLY A 186 -4.94 -29.00 -10.27
C GLY A 186 -5.87 -28.86 -9.09
N SER A 187 -6.85 -29.74 -9.03
CA SER A 187 -7.87 -29.81 -7.97
C SER A 187 -7.15 -30.00 -6.63
N ALA A 188 -7.66 -29.40 -5.56
CA ALA A 188 -7.17 -29.63 -4.19
C ALA A 188 -7.79 -30.90 -3.64
N TRP A 189 -8.51 -31.65 -4.48
CA TRP A 189 -9.22 -32.87 -4.01
C TRP A 189 -8.71 -34.08 -4.79
N GLU A 190 -8.28 -35.13 -4.08
CA GLU A 190 -7.70 -36.36 -4.70
C GLU A 190 -8.59 -37.56 -4.36
N TRP A 191 -8.96 -38.37 -5.36
CA TRP A 191 -9.87 -39.52 -5.14
C TRP A 191 -9.09 -40.67 -4.49
N SER A 192 -9.58 -41.20 -3.37
CA SER A 192 -9.09 -42.45 -2.73
C SER A 192 -9.92 -43.65 -3.21
N GLU A 193 -9.29 -44.52 -4.01
CA GLU A 193 -9.84 -45.84 -4.46
C GLU A 193 -10.27 -46.64 -3.24
N LYS A 194 -9.35 -46.78 -2.29
CA LYS A 194 -9.57 -47.54 -1.03
C LYS A 194 -10.80 -47.02 -0.29
N ARG A 195 -10.88 -45.71 0.03
CA ARG A 195 -11.92 -45.19 0.95
C ARG A 195 -13.21 -44.79 0.22
N GLN A 196 -13.20 -44.61 -1.11
CA GLN A 196 -14.39 -44.20 -1.93
C GLN A 196 -14.83 -42.79 -1.51
N GLN A 197 -13.84 -41.95 -1.23
CA GLN A 197 -14.05 -40.52 -0.98
C GLN A 197 -12.85 -39.74 -1.51
N TYR A 198 -13.03 -38.43 -1.67
CA TYR A 198 -11.92 -37.48 -1.95
C TYR A 198 -11.31 -37.01 -0.62
N TYR A 199 -9.99 -36.82 -0.60
CA TYR A 199 -9.27 -36.11 0.50
C TYR A 199 -8.76 -34.75 0.00
N LEU A 200 -8.65 -33.81 0.92
CA LEU A 200 -8.15 -32.44 0.62
C LEU A 200 -6.63 -32.42 0.62
N HIS A 201 -6.03 -31.79 -0.40
CA HIS A 201 -4.58 -31.48 -0.45
C HIS A 201 -4.45 -30.05 -0.99
N GLN A 202 -4.23 -29.09 -0.09
CA GLN A 202 -3.92 -27.69 -0.54
C GLN A 202 -2.55 -27.66 -1.24
N PHE A 203 -1.64 -28.59 -0.93
CA PHE A 203 -0.32 -28.69 -1.59
C PHE A 203 -0.34 -29.91 -2.52
N ALA A 204 0.71 -30.74 -2.53
CA ALA A 204 0.83 -31.84 -3.52
C ALA A 204 -0.25 -32.88 -3.21
N ILE A 205 -0.54 -33.71 -4.20
CA ILE A 205 -1.45 -34.89 -4.01
C ILE A 205 -1.00 -35.68 -2.76
N GLN A 206 0.32 -35.81 -2.56
CA GLN A 206 0.94 -36.59 -1.44
C GLN A 206 0.92 -35.85 -0.11
N GLN A 207 0.48 -34.59 -0.05
CA GLN A 207 0.38 -33.81 1.20
C GLN A 207 -1.10 -33.69 1.58
N VAL A 208 -1.50 -34.40 2.63
CA VAL A 208 -2.93 -34.57 3.00
C VAL A 208 -3.21 -33.66 4.19
N ASP A 209 -4.23 -32.80 4.03
CA ASP A 209 -4.61 -31.71 4.98
C ASP A 209 -5.31 -32.32 6.21
N PHE A 210 -4.69 -32.18 7.38
CA PHE A 210 -5.32 -32.61 8.66
C PHE A 210 -6.61 -31.83 8.88
N ASP A 211 -7.53 -32.44 9.64
CA ASP A 211 -8.77 -31.76 10.05
C ASP A 211 -8.52 -31.06 11.40
N PHE A 212 -8.32 -29.74 11.38
CA PHE A 212 -8.00 -28.96 12.60
C PHE A 212 -9.24 -28.68 13.45
N ARG A 213 -10.44 -29.12 13.06
CA ARG A 213 -11.67 -29.11 13.92
C ARG A 213 -11.73 -30.42 14.73
N ASN A 214 -10.83 -31.36 14.47
CA ASN A 214 -10.72 -32.66 15.19
C ASN A 214 -9.84 -32.47 16.41
N PRO A 215 -10.36 -32.59 17.66
CA PRO A 215 -9.54 -32.44 18.87
C PRO A 215 -8.37 -33.42 18.96
N ALA A 216 -8.51 -34.62 18.39
CA ALA A 216 -7.44 -35.64 18.29
C ALA A 216 -6.29 -35.17 17.38
N VAL A 217 -6.57 -34.50 16.25
CA VAL A 217 -5.50 -33.90 15.40
C VAL A 217 -4.73 -32.86 16.22
N LYS A 218 -5.45 -32.00 16.94
CA LYS A 218 -4.88 -30.86 17.70
C LYS A 218 -4.04 -31.42 18.85
N GLN A 219 -4.53 -32.46 19.53
CA GLN A 219 -3.75 -33.13 20.60
C GLN A 219 -2.45 -33.67 19.99
N GLU A 220 -2.49 -34.23 18.77
CA GLU A 220 -1.30 -34.87 18.16
C GLU A 220 -0.24 -33.81 17.88
N MET A 221 -0.64 -32.57 17.56
CA MET A 221 0.29 -31.44 17.34
C MET A 221 1.03 -31.14 18.64
N PHE A 222 0.34 -31.18 19.79
CA PHE A 222 0.97 -30.96 21.11
C PHE A 222 1.95 -32.11 21.36
N ASN A 223 1.52 -33.33 21.06
CA ASN A 223 2.38 -34.52 21.25
C ASN A 223 3.69 -34.31 20.47
N ILE A 224 3.62 -33.94 19.20
CA ILE A 224 4.81 -33.76 18.33
C ILE A 224 5.68 -32.66 18.94
N MET A 225 5.12 -31.50 19.28
CA MET A 225 5.95 -30.38 19.80
C MET A 225 6.62 -30.78 21.13
N LYS A 226 5.88 -31.46 22.00
CA LYS A 226 6.38 -31.89 23.33
C LYS A 226 7.58 -32.81 23.12
N PHE A 227 7.47 -33.76 22.20
CA PHE A 227 8.54 -34.74 21.88
C PHE A 227 9.85 -34.00 21.55
N TRP A 228 9.80 -33.03 20.63
CA TRP A 228 11.03 -32.36 20.14
C TRP A 228 11.54 -31.35 21.18
N LEU A 229 10.67 -30.71 21.94
CA LEU A 229 11.08 -29.77 23.03
C LEU A 229 11.76 -30.58 24.13
N ASP A 230 11.18 -31.71 24.51
CA ASP A 230 11.79 -32.73 25.41
C ASP A 230 13.20 -33.12 24.91
N LYS A 231 13.46 -33.21 23.60
CA LYS A 231 14.83 -33.50 23.09
C LYS A 231 15.81 -32.32 23.26
N GLY A 232 15.32 -31.09 23.48
CA GLY A 232 16.17 -29.91 23.72
C GLY A 232 16.04 -28.82 22.67
N ALA A 233 15.18 -28.99 21.65
CA ALA A 233 14.93 -27.96 20.60
C ALA A 233 14.60 -26.62 21.28
N ASP A 234 15.06 -25.50 20.72
CA ASP A 234 14.83 -24.14 21.25
C ASP A 234 13.52 -23.54 20.67
N GLY A 235 12.78 -24.33 19.90
CA GLY A 235 11.47 -23.93 19.38
C GLY A 235 11.24 -24.38 17.95
N PHE A 236 10.24 -23.80 17.28
CA PHE A 236 9.76 -24.25 15.96
C PHE A 236 9.55 -23.04 15.03
N ARG A 237 9.80 -23.25 13.74
CA ARG A 237 9.23 -22.50 12.59
C ARG A 237 7.98 -23.25 12.15
N LEU A 238 6.82 -22.57 12.10
CA LEU A 238 5.51 -23.23 11.87
C LEU A 238 5.07 -22.97 10.44
N ASP A 239 4.89 -24.03 9.67
CA ASP A 239 4.77 -23.98 8.20
C ASP A 239 3.31 -23.75 7.76
N ALA A 240 3.12 -22.92 6.74
CA ALA A 240 1.94 -22.90 5.86
C ALA A 240 0.64 -22.64 6.65
N LEU A 241 0.70 -21.86 7.74
CA LEU A 241 -0.46 -21.66 8.65
C LEU A 241 -1.68 -21.05 7.96
N PRO A 242 -1.59 -20.17 6.94
CA PRO A 242 -2.81 -19.59 6.35
C PRO A 242 -3.81 -20.68 5.90
N TYR A 243 -3.33 -21.89 5.64
CA TYR A 243 -4.10 -22.98 5.00
C TYR A 243 -4.69 -23.94 6.01
N LEU A 244 -4.50 -23.67 7.30
CA LEU A 244 -4.88 -24.64 8.36
C LEU A 244 -6.34 -25.10 8.18
N ILE A 245 -7.27 -24.15 8.16
CA ILE A 245 -8.74 -24.39 8.25
C ILE A 245 -9.45 -23.94 6.98
N GLU A 246 -10.40 -24.74 6.51
CA GLU A 246 -11.27 -24.43 5.34
C GLU A 246 -12.73 -24.40 5.82
N ALA A 247 -13.63 -23.85 5.00
CA ALA A 247 -15.06 -23.77 5.35
C ALA A 247 -15.54 -25.13 5.83
N ASP A 248 -16.32 -25.12 6.91
CA ASP A 248 -17.04 -26.29 7.43
C ASP A 248 -18.28 -26.53 6.55
N PRO A 249 -18.49 -27.72 5.95
CA PRO A 249 -19.70 -27.97 5.17
C PRO A 249 -20.99 -27.87 6.00
N ALA A 250 -20.88 -28.05 7.33
CA ALA A 250 -21.97 -27.82 8.30
C ALA A 250 -22.57 -26.41 8.15
N ASP A 251 -21.77 -25.40 7.77
CA ASP A 251 -22.19 -23.98 7.66
C ASP A 251 -22.68 -23.66 6.24
N HIS A 252 -22.73 -24.66 5.35
CA HIS A 252 -23.07 -24.49 3.91
C HIS A 252 -23.98 -25.62 3.44
N GLU A 253 -24.89 -26.03 4.32
CA GLU A 253 -25.96 -27.02 3.99
C GLU A 253 -25.32 -28.35 3.60
N GLY A 254 -24.25 -28.77 4.29
CA GLY A 254 -23.58 -30.06 4.07
C GLY A 254 -22.67 -30.06 2.84
N ARG A 255 -22.41 -28.93 2.19
CA ARG A 255 -21.54 -28.92 0.99
C ARG A 255 -20.23 -28.18 1.28
N TYR A 256 -19.18 -28.42 0.50
CA TYR A 256 -17.96 -27.58 0.53
C TYR A 256 -18.19 -26.45 -0.44
N PRO A 257 -18.25 -25.17 -0.02
CA PRO A 257 -18.64 -24.09 -0.92
C PRO A 257 -17.52 -23.80 -1.91
N ASP A 258 -17.87 -23.57 -3.17
CA ASP A 258 -16.89 -23.16 -4.19
C ASP A 258 -16.20 -21.87 -3.73
N ASP A 259 -14.90 -21.76 -3.97
CA ASP A 259 -14.20 -20.46 -3.82
C ASP A 259 -14.65 -19.59 -4.98
N PRO A 260 -14.85 -18.27 -4.73
CA PRO A 260 -15.18 -17.35 -5.81
C PRO A 260 -14.18 -17.45 -6.98
N LEU A 261 -14.59 -17.09 -8.20
CA LEU A 261 -13.66 -17.04 -9.34
C LEU A 261 -12.92 -15.70 -9.36
N SER A 262 -11.64 -15.66 -9.70
CA SER A 262 -10.90 -14.40 -9.98
C SER A 262 -11.44 -13.66 -11.21
N GLY A 263 -12.01 -14.38 -12.19
CA GLY A 263 -12.44 -13.81 -13.48
C GLY A 263 -11.28 -13.29 -14.33
N LEU A 264 -10.04 -13.72 -14.06
CA LEU A 264 -8.86 -13.38 -14.90
C LEU A 264 -8.70 -14.43 -15.99
N THR A 265 -8.70 -14.01 -17.25
CA THR A 265 -8.72 -14.94 -18.41
C THR A 265 -7.39 -15.69 -18.56
N GLN A 266 -6.28 -15.25 -17.97
CA GLN A 266 -4.98 -15.97 -18.07
C GLN A 266 -4.97 -17.24 -17.20
N PHE A 267 -5.98 -17.49 -16.36
CA PHE A 267 -6.04 -18.70 -15.49
C PHE A 267 -7.20 -19.58 -15.94
N GLU A 268 -6.87 -20.84 -16.25
CA GLU A 268 -7.84 -21.94 -16.49
C GLU A 268 -8.13 -22.61 -15.15
N SER A 269 -9.11 -23.50 -15.13
CA SER A 269 -9.77 -23.98 -13.89
C SER A 269 -8.81 -24.83 -13.02
N HIS A 270 -7.71 -25.33 -13.60
CA HIS A 270 -6.69 -26.18 -12.94
C HIS A 270 -5.50 -25.32 -12.50
N GLN A 271 -5.54 -24.01 -12.69
CA GLN A 271 -4.31 -23.21 -12.46
C GLN A 271 -4.52 -22.34 -11.24
N LEU A 272 -3.48 -22.20 -10.43
CA LEU A 272 -3.52 -21.29 -9.27
C LEU A 272 -3.74 -19.86 -9.79
N GLY A 273 -4.72 -19.16 -9.23
CA GLY A 273 -5.18 -17.82 -9.69
C GLY A 273 -6.61 -17.85 -10.20
N TYR A 274 -7.11 -19.03 -10.57
CA TYR A 274 -8.49 -19.19 -11.09
C TYR A 274 -9.50 -18.81 -9.99
N THR A 275 -9.17 -19.10 -8.73
CA THR A 275 -10.05 -18.83 -7.57
C THR A 275 -9.44 -17.78 -6.65
N ILE A 276 -10.30 -17.16 -5.84
CA ILE A 276 -9.92 -16.29 -4.70
C ILE A 276 -10.17 -17.15 -3.49
N PRO A 277 -9.18 -17.42 -2.62
CA PRO A 277 -9.35 -18.47 -1.60
C PRO A 277 -10.13 -18.02 -0.38
N LEU A 278 -11.38 -17.63 -0.58
CA LEU A 278 -12.23 -17.09 0.51
C LEU A 278 -12.50 -18.18 1.57
N TYR A 279 -12.74 -19.41 1.14
CA TYR A 279 -13.17 -20.51 2.04
C TYR A 279 -12.01 -21.44 2.37
N THR A 280 -10.80 -21.14 1.89
CA THR A 280 -9.66 -22.10 1.95
C THR A 280 -8.38 -21.47 2.52
N LYS A 281 -8.37 -20.20 2.86
CA LYS A 281 -7.12 -19.51 3.32
C LYS A 281 -7.50 -18.35 4.25
N ASP A 282 -6.74 -18.19 5.33
CA ASP A 282 -6.84 -17.07 6.29
C ASP A 282 -8.16 -17.10 7.04
N LEU A 283 -8.78 -18.26 7.25
CA LEU A 283 -10.00 -18.31 8.10
C LEU A 283 -9.65 -17.90 9.53
N ILE A 284 -10.54 -17.11 10.17
CA ILE A 284 -10.31 -16.56 11.54
C ILE A 284 -10.00 -17.71 12.52
N GLU A 285 -10.59 -18.90 12.33
CA GLU A 285 -10.40 -20.02 13.30
C GLU A 285 -8.95 -20.53 13.29
N LEU A 286 -8.15 -20.30 12.24
CA LEU A 286 -6.75 -20.80 12.22
C LEU A 286 -5.99 -20.16 13.40
N TYR A 287 -6.26 -18.88 13.66
CA TYR A 287 -5.48 -18.14 14.67
C TYR A 287 -5.74 -18.75 16.05
N ASP A 288 -6.94 -19.28 16.30
CA ASP A 288 -7.24 -19.85 17.66
C ASP A 288 -6.29 -21.02 17.92
N VAL A 289 -6.00 -21.80 16.89
CA VAL A 289 -5.05 -22.93 16.98
C VAL A 289 -3.68 -22.39 17.39
N VAL A 290 -3.23 -21.33 16.73
CA VAL A 290 -1.90 -20.70 17.02
C VAL A 290 -1.89 -20.23 18.48
N TYR A 291 -2.97 -19.62 18.96
CA TYR A 291 -3.02 -19.09 20.36
C TYR A 291 -2.95 -20.28 21.35
N GLU A 292 -3.60 -21.40 21.04
CA GLU A 292 -3.53 -22.66 21.82
C GLU A 292 -2.09 -23.20 21.84
N TRP A 293 -1.36 -23.16 20.70
CA TRP A 293 0.08 -23.55 20.62
C TRP A 293 0.91 -22.66 21.55
N ARG A 294 0.67 -21.34 21.52
CA ARG A 294 1.46 -20.42 22.37
C ARG A 294 1.10 -20.70 23.85
N GLU A 295 -0.16 -21.00 24.15
CA GLU A 295 -0.59 -21.28 25.54
C GLU A 295 0.21 -22.50 26.05
N PHE A 296 0.32 -23.54 25.22
CA PHE A 296 1.07 -24.79 25.48
C PHE A 296 2.56 -24.49 25.69
N LEU A 297 3.16 -23.68 24.81
CA LEU A 297 4.60 -23.33 24.85
C LEU A 297 4.91 -22.48 26.09
N ASP A 298 4.02 -21.59 26.50
CA ASP A 298 4.22 -20.70 27.70
C ASP A 298 4.22 -21.57 28.96
N GLU A 299 3.30 -22.53 29.02
CA GLU A 299 3.21 -23.57 30.09
C GLU A 299 4.55 -24.32 30.17
N TYR A 300 4.99 -24.87 29.03
CA TYR A 300 6.25 -25.64 28.90
C TYR A 300 7.42 -24.79 29.40
N ASN A 301 7.53 -23.54 28.94
CA ASN A 301 8.65 -22.65 29.38
C ASN A 301 8.58 -22.45 30.89
N LYS A 302 7.38 -22.27 31.44
CA LYS A 302 7.18 -22.09 32.90
C LYS A 302 7.66 -23.35 33.66
N ASN A 303 7.26 -24.54 33.20
CA ASN A 303 7.53 -25.83 33.89
C ASN A 303 8.97 -26.32 33.72
N HIS A 304 9.72 -25.90 32.70
CA HIS A 304 11.08 -26.42 32.35
C HIS A 304 12.17 -25.37 32.56
N GLY A 305 11.82 -24.08 32.59
CA GLY A 305 12.80 -22.99 32.75
C GLY A 305 13.85 -23.06 31.66
N GLY A 306 15.06 -22.59 31.97
CA GLY A 306 16.11 -22.36 30.96
C GLY A 306 15.69 -21.31 29.94
N ASP A 307 16.37 -21.28 28.81
CA ASP A 307 16.14 -20.28 27.73
C ASP A 307 14.73 -20.46 27.15
N THR A 308 14.03 -19.35 26.95
CA THR A 308 12.68 -19.31 26.35
C THR A 308 12.73 -20.08 25.04
N ARG A 309 11.79 -21.01 24.87
CA ARG A 309 11.51 -21.71 23.60
C ARG A 309 10.42 -20.94 22.86
N VAL A 310 10.60 -20.74 21.55
CA VAL A 310 9.79 -19.78 20.76
C VAL A 310 9.11 -20.50 19.59
N VAL A 311 8.06 -19.88 19.03
CA VAL A 311 7.52 -20.29 17.70
C VAL A 311 7.50 -19.06 16.81
N PHE A 312 8.06 -19.18 15.63
CA PHE A 312 8.00 -18.17 14.55
C PHE A 312 7.14 -18.78 13.44
N SER A 313 6.10 -18.08 12.99
CA SER A 313 5.07 -18.63 12.08
C SER A 313 5.41 -18.18 10.66
N GLN A 314 5.15 -19.06 9.68
CA GLN A 314 5.27 -18.72 8.25
C GLN A 314 3.83 -18.60 7.72
N GLY A 315 3.54 -17.49 7.06
CA GLY A 315 2.26 -17.31 6.32
C GLY A 315 2.38 -16.10 5.44
N TYR A 316 2.20 -16.29 4.13
CA TYR A 316 1.99 -15.19 3.17
C TYR A 316 0.51 -14.84 3.20
N ALA A 317 0.22 -13.60 3.58
CA ALA A 317 -1.13 -13.03 3.71
C ALA A 317 -1.02 -11.50 3.70
N ASN A 318 -2.15 -10.81 3.67
CA ASN A 318 -2.15 -9.34 3.73
C ASN A 318 -1.65 -8.94 5.11
N VAL A 319 -1.23 -7.70 5.26
CA VAL A 319 -0.57 -7.27 6.51
C VAL A 319 -1.50 -7.43 7.72
N SER A 320 -2.78 -7.09 7.60
CA SER A 320 -3.73 -7.22 8.74
C SER A 320 -3.92 -8.70 9.13
N MET A 321 -4.03 -9.60 8.15
CA MET A 321 -4.12 -11.06 8.48
C MET A 321 -2.78 -11.57 9.05
N THR A 322 -1.66 -11.04 8.56
CA THR A 322 -0.33 -11.41 9.09
C THR A 322 -0.23 -10.98 10.57
N MET A 323 -0.72 -9.81 10.95
CA MET A 323 -0.56 -9.31 12.33
C MET A 323 -1.37 -10.14 13.34
N LEU A 324 -2.41 -10.87 12.92
CA LEU A 324 -3.19 -11.72 13.86
C LEU A 324 -2.34 -12.90 14.35
N TYR A 325 -1.22 -13.23 13.69
CA TYR A 325 -0.28 -14.28 14.20
C TYR A 325 0.38 -13.83 15.50
N TYR A 326 0.62 -12.53 15.69
CA TYR A 326 1.23 -12.02 16.94
C TYR A 326 0.25 -12.21 18.11
N GLY A 327 -1.04 -12.07 17.81
CA GLY A 327 -2.09 -12.01 18.82
C GLY A 327 -3.25 -11.22 18.29
N ASN A 328 -4.21 -10.85 19.16
CA ASN A 328 -5.36 -10.05 18.72
C ASN A 328 -5.64 -8.99 19.79
N GLU A 329 -6.56 -8.09 19.50
CA GLU A 329 -6.90 -6.93 20.38
C GLU A 329 -7.75 -7.38 21.58
N ASP A 330 -8.28 -8.61 21.57
CA ASP A 330 -9.01 -9.20 22.71
C ASP A 330 -8.02 -9.78 23.71
N GLY A 331 -6.72 -9.70 23.45
CA GLY A 331 -5.66 -10.10 24.39
C GLY A 331 -5.05 -11.46 24.08
N ALA A 332 -5.44 -12.16 23.01
CA ALA A 332 -4.80 -13.43 22.63
C ALA A 332 -3.31 -13.17 22.30
N ILE A 333 -2.46 -14.14 22.60
CA ILE A 333 -1.00 -14.11 22.28
C ILE A 333 -0.71 -15.30 21.39
N GLY A 334 -0.06 -15.03 20.27
CA GLY A 334 0.25 -16.09 19.27
C GLY A 334 1.75 -16.34 19.19
N ALA A 335 2.25 -16.38 17.95
CA ALA A 335 3.66 -16.60 17.61
C ALA A 335 4.47 -15.45 18.21
N HIS A 336 5.68 -15.74 18.66
CA HIS A 336 6.70 -14.74 19.09
C HIS A 336 6.86 -13.72 17.96
N PHE A 337 6.82 -14.19 16.72
CA PHE A 337 6.50 -13.30 15.57
C PHE A 337 6.12 -14.13 14.37
N PRO A 338 5.29 -13.58 13.46
CA PRO A 338 5.19 -14.06 12.09
C PRO A 338 6.28 -13.44 11.22
N PHE A 339 6.77 -14.22 10.28
CA PHE A 339 7.83 -13.78 9.35
C PHE A 339 7.29 -12.59 8.57
N ASN A 340 8.15 -11.58 8.42
CA ASN A 340 7.92 -10.42 7.52
C ASN A 340 8.56 -10.71 6.15
N PHE A 341 7.75 -10.98 5.12
CA PHE A 341 8.21 -11.30 3.75
C PHE A 341 8.20 -10.10 2.82
N ASP A 342 8.15 -8.88 3.35
CA ASP A 342 7.94 -7.66 2.52
C ASP A 342 9.11 -7.44 1.54
N PHE A 343 10.35 -7.76 1.92
CA PHE A 343 11.50 -7.58 1.00
C PHE A 343 11.48 -8.66 -0.10
N ILE A 344 10.62 -9.67 0.04
CA ILE A 344 10.39 -10.69 -1.03
C ILE A 344 9.20 -10.24 -1.90
N THR A 345 8.10 -9.88 -1.26
CA THR A 345 6.80 -9.71 -1.95
C THR A 345 6.65 -8.30 -2.53
N ASP A 346 7.19 -7.24 -1.91
CA ASP A 346 6.79 -5.86 -2.25
C ASP A 346 7.96 -4.99 -2.71
N LEU A 347 9.20 -5.50 -2.63
CA LEU A 347 10.39 -4.75 -3.11
C LEU A 347 11.18 -5.63 -4.07
N SER A 348 11.83 -4.99 -5.04
CA SER A 348 12.68 -5.66 -6.04
C SER A 348 13.60 -4.61 -6.65
N SER A 349 14.35 -5.00 -7.68
CA SER A 349 15.16 -4.11 -8.54
C SER A 349 14.27 -3.05 -9.20
N LYS A 350 12.95 -3.23 -9.28
CA LYS A 350 12.03 -2.19 -9.83
C LYS A 350 11.77 -1.08 -8.80
N SER A 351 12.07 -1.31 -7.52
CA SER A 351 11.76 -0.37 -6.42
C SER A 351 12.72 0.82 -6.39
N ASN A 352 12.20 1.98 -6.05
CA ASN A 352 13.04 3.18 -5.78
C ASN A 352 13.15 3.40 -4.26
N ALA A 353 13.89 4.42 -3.85
CA ALA A 353 14.23 4.67 -2.43
C ALA A 353 12.98 4.99 -1.62
N ARG A 354 11.97 5.59 -2.24
CA ARG A 354 10.71 5.97 -1.53
C ARG A 354 9.93 4.68 -1.31
N ASP A 355 9.98 3.79 -2.30
CA ASP A 355 9.33 2.45 -2.17
C ASP A 355 9.99 1.68 -1.01
N PHE A 356 11.32 1.67 -0.93
CA PHE A 356 12.05 1.01 0.19
C PHE A 356 11.50 1.55 1.52
N VAL A 357 11.46 2.87 1.65
CA VAL A 357 11.06 3.47 2.95
C VAL A 357 9.60 3.08 3.24
N TYR A 358 8.74 3.24 2.24
CA TYR A 358 7.27 3.03 2.43
C TYR A 358 7.03 1.58 2.85
N ILE A 359 7.74 0.63 2.24
CA ILE A 359 7.57 -0.80 2.59
C ILE A 359 8.17 -1.07 3.96
N ILE A 360 9.35 -0.54 4.26
CA ILE A 360 9.91 -0.75 5.63
C ILE A 360 8.93 -0.26 6.71
N LEU A 361 8.27 0.86 6.48
CA LEU A 361 7.28 1.46 7.44
C LEU A 361 6.06 0.54 7.61
N ARG A 362 5.78 -0.39 6.68
CA ARG A 362 4.53 -1.17 6.82
C ARG A 362 4.57 -2.03 8.08
N TRP A 363 5.57 -2.89 8.26
CA TRP A 363 5.63 -3.76 9.46
C TRP A 363 5.64 -2.86 10.70
N LEU A 364 6.42 -1.80 10.66
CA LEU A 364 6.59 -0.92 11.84
C LEU A 364 5.27 -0.19 12.17
N THR A 365 4.39 0.05 11.20
CA THR A 365 3.10 0.76 11.41
C THR A 365 2.07 -0.24 11.95
N TYR A 366 2.11 -1.47 11.43
CA TYR A 366 1.03 -2.47 11.64
C TYR A 366 1.32 -3.35 12.86
N MET A 367 2.56 -3.46 13.31
CA MET A 367 2.93 -4.40 14.38
C MET A 367 2.29 -3.99 15.70
N PRO A 368 1.77 -4.91 16.52
CA PRO A 368 1.20 -4.51 17.81
C PRO A 368 2.28 -3.99 18.76
N TYR A 369 1.86 -3.13 19.68
CA TYR A 369 2.72 -2.58 20.75
C TYR A 369 3.40 -3.75 21.44
N GLY A 370 4.71 -3.66 21.68
CA GLY A 370 5.51 -4.72 22.33
C GLY A 370 5.96 -5.79 21.35
N GLY A 371 5.49 -5.75 20.09
CA GLY A 371 5.85 -6.77 19.09
C GLY A 371 7.32 -6.64 18.71
N ILE A 372 7.94 -7.75 18.36
CA ILE A 372 9.33 -7.79 17.86
C ILE A 372 9.27 -7.75 16.35
N PRO A 373 9.87 -6.76 15.69
CA PRO A 373 9.93 -6.76 14.24
C PRO A 373 10.91 -7.83 13.76
N ASN A 374 10.72 -8.31 12.54
CA ASN A 374 11.71 -9.19 11.89
C ASN A 374 11.75 -8.83 10.40
N TRP A 375 12.80 -9.24 9.69
CA TRP A 375 13.08 -8.83 8.28
C TRP A 375 13.63 -10.06 7.54
N VAL A 376 12.89 -10.57 6.55
CA VAL A 376 13.30 -11.74 5.74
C VAL A 376 13.62 -11.27 4.32
N PHE A 377 14.77 -11.65 3.80
CA PHE A 377 15.28 -11.21 2.47
C PHE A 377 15.24 -12.38 1.47
N GLY A 378 15.06 -13.59 1.97
CA GLY A 378 14.99 -14.77 1.10
C GLY A 378 14.60 -15.99 1.89
N ASN A 379 14.40 -17.08 1.16
CA ASN A 379 14.15 -18.42 1.75
C ASN A 379 14.20 -19.43 0.61
N HIS A 380 13.93 -20.68 0.93
CA HIS A 380 13.98 -21.81 -0.03
C HIS A 380 12.80 -21.78 -0.99
N ASP A 381 11.83 -20.85 -0.86
CA ASP A 381 10.63 -20.83 -1.74
C ASP A 381 10.74 -19.69 -2.74
N ASN A 382 11.77 -18.84 -2.63
CA ASN A 382 11.80 -17.61 -3.44
C ASN A 382 13.17 -17.42 -4.07
N ASN A 383 13.23 -16.65 -5.13
CA ASN A 383 14.51 -16.32 -5.83
C ASN A 383 15.46 -15.68 -4.81
N ARG A 384 16.75 -15.92 -4.97
CA ARG A 384 17.76 -15.37 -4.03
C ARG A 384 17.81 -13.84 -4.09
N MET A 385 18.10 -13.26 -2.93
CA MET A 385 18.19 -11.80 -2.69
C MET A 385 18.88 -11.04 -3.83
N PRO A 386 20.11 -11.37 -4.27
CA PRO A 386 20.78 -10.61 -5.34
C PRO A 386 20.17 -10.77 -6.72
N THR A 387 19.42 -11.86 -6.92
CA THR A 387 18.70 -12.10 -8.19
C THR A 387 17.43 -11.22 -8.23
N ARG A 388 16.70 -11.16 -7.12
CA ARG A 388 15.46 -10.35 -7.03
C ARG A 388 15.82 -8.86 -7.10
N PHE A 389 16.92 -8.46 -6.47
CA PHE A 389 17.43 -7.08 -6.53
C PHE A 389 18.54 -7.04 -7.61
N ARG A 390 19.74 -6.56 -7.26
CA ARG A 390 20.92 -6.55 -8.16
C ARG A 390 22.15 -7.05 -7.39
N HIS A 391 23.13 -7.54 -8.14
CA HIS A 391 24.40 -8.04 -7.58
C HIS A 391 25.07 -6.91 -6.78
N ASP A 392 24.91 -5.65 -7.20
CA ASP A 392 25.58 -4.50 -6.56
C ASP A 392 24.80 -4.00 -5.33
N MET A 393 23.71 -4.67 -4.95
CA MET A 393 22.87 -4.19 -3.81
C MET A 393 23.01 -5.09 -2.60
N VAL A 394 23.81 -6.16 -2.71
CA VAL A 394 23.95 -7.22 -1.65
C VAL A 394 24.31 -6.57 -0.30
N ASP A 395 25.36 -5.77 -0.23
CA ASP A 395 25.79 -5.21 1.07
C ASP A 395 24.66 -4.31 1.67
N GLY A 396 24.09 -3.42 0.84
CA GLY A 396 23.01 -2.52 1.28
C GLY A 396 21.87 -3.31 1.86
N LEU A 397 21.50 -4.43 1.21
CA LEU A 397 20.36 -5.26 1.69
C LEU A 397 20.71 -5.92 3.03
N ASN A 398 21.91 -6.47 3.17
CA ASN A 398 22.36 -7.06 4.45
C ASN A 398 22.45 -5.95 5.53
N ILE A 399 22.83 -4.74 5.17
CA ILE A 399 22.87 -3.60 6.16
C ILE A 399 21.45 -3.36 6.66
N ILE A 400 20.50 -3.20 5.74
CA ILE A 400 19.09 -2.97 6.14
C ILE A 400 18.70 -4.05 7.16
N ASN A 401 18.93 -5.34 6.83
CA ASN A 401 18.51 -6.50 7.67
C ASN A 401 19.02 -6.30 9.10
N MET A 402 20.31 -5.97 9.20
CA MET A 402 21.07 -5.93 10.49
C MET A 402 20.77 -4.64 11.27
N LEU A 403 20.51 -3.52 10.59
CA LEU A 403 20.40 -2.19 11.25
C LEU A 403 18.93 -1.84 11.59
N LEU A 404 17.91 -2.43 10.96
CA LEU A 404 16.51 -2.15 11.36
C LEU A 404 16.33 -2.72 12.76
N PRO A 405 15.42 -2.15 13.56
CA PRO A 405 15.12 -2.74 14.86
C PRO A 405 14.60 -4.18 14.76
N GLY A 406 14.93 -4.97 15.78
CA GLY A 406 14.43 -6.34 15.92
C GLY A 406 15.40 -7.40 15.41
N VAL A 407 14.82 -8.38 14.73
CA VAL A 407 15.42 -9.69 14.38
C VAL A 407 15.79 -9.70 12.90
N ALA A 408 17.07 -9.92 12.63
CA ALA A 408 17.62 -10.10 11.25
C ALA A 408 17.43 -11.57 10.88
N VAL A 409 16.80 -11.87 9.75
CA VAL A 409 16.70 -13.25 9.26
C VAL A 409 17.57 -13.37 8.01
N THR A 410 18.46 -14.38 8.01
CA THR A 410 19.37 -14.65 6.86
C THR A 410 18.99 -16.02 6.31
N TYR A 411 18.80 -16.12 5.00
CA TYR A 411 18.72 -17.42 4.29
C TYR A 411 20.11 -17.81 3.80
N GLN A 412 20.49 -19.06 4.07
CA GLN A 412 21.66 -19.81 3.51
C GLN A 412 22.14 -19.21 2.20
N GLY A 413 23.32 -18.57 2.18
CA GLY A 413 23.93 -18.00 0.97
C GLY A 413 23.97 -16.47 0.94
N GLU A 414 23.04 -15.80 1.63
CA GLU A 414 22.87 -14.33 1.59
C GLU A 414 24.11 -13.68 2.21
N GLU A 415 24.73 -14.32 3.20
CA GLU A 415 25.97 -13.84 3.88
C GLU A 415 27.17 -13.78 2.91
N ILE A 416 27.11 -14.47 1.76
CA ILE A 416 28.16 -14.40 0.70
C ILE A 416 27.60 -13.87 -0.62
N GLY A 417 26.32 -13.45 -0.67
CA GLY A 417 25.72 -12.91 -1.91
C GLY A 417 25.47 -13.97 -3.00
N MET A 418 25.10 -15.18 -2.63
CA MET A 418 24.76 -16.27 -3.61
C MET A 418 23.63 -15.83 -4.53
N ARG A 419 23.80 -16.05 -5.83
CA ARG A 419 22.81 -15.80 -6.88
C ARG A 419 22.07 -17.09 -7.18
N ASP A 420 20.88 -16.95 -7.76
CA ASP A 420 20.11 -18.08 -8.33
C ASP A 420 21.07 -18.92 -9.18
N GLY A 421 21.11 -20.23 -8.97
CA GLY A 421 21.83 -21.19 -9.84
C GLY A 421 20.96 -21.58 -11.01
N TYR A 422 21.51 -21.67 -12.23
CA TYR A 422 20.80 -22.21 -13.42
C TYR A 422 20.39 -23.67 -13.13
N VAL A 423 19.13 -24.01 -13.35
CA VAL A 423 18.60 -25.40 -13.25
C VAL A 423 17.78 -25.68 -14.51
N SER A 424 18.25 -26.64 -15.32
CA SER A 424 17.55 -27.09 -16.54
C SER A 424 16.22 -27.76 -16.16
N TRP A 425 15.27 -27.79 -17.10
CA TRP A 425 14.07 -28.65 -17.02
C TRP A 425 14.48 -30.05 -16.57
N GLU A 426 15.49 -30.61 -17.26
CA GLU A 426 15.93 -32.00 -17.04
C GLU A 426 16.36 -32.14 -15.57
N ASP A 427 17.02 -31.11 -15.00
CA ASP A 427 17.57 -31.18 -13.61
C ASP A 427 16.50 -30.75 -12.57
N THR A 428 15.36 -30.17 -13.00
CA THR A 428 14.30 -29.63 -12.09
C THR A 428 13.67 -30.79 -11.32
N VAL A 429 13.57 -30.70 -10.00
CA VAL A 429 12.93 -31.73 -9.14
C VAL A 429 11.83 -31.11 -8.27
N ASP A 430 11.72 -29.78 -8.20
CA ASP A 430 10.65 -29.09 -7.42
C ASP A 430 9.29 -29.55 -7.96
N ILE A 431 8.48 -30.21 -7.15
CA ILE A 431 7.11 -30.69 -7.51
C ILE A 431 6.27 -29.50 -7.99
N GLU A 432 6.48 -28.30 -7.43
CA GLU A 432 5.69 -27.12 -7.86
C GLU A 432 5.95 -26.88 -9.36
N ALA A 433 7.20 -26.90 -9.81
CA ALA A 433 7.59 -26.67 -11.21
C ALA A 433 7.11 -27.82 -12.10
N CYS A 434 7.23 -29.06 -11.61
CA CYS A 434 6.80 -30.29 -12.35
C CYS A 434 5.28 -30.23 -12.56
N ASN A 435 4.50 -29.83 -11.55
CA ASN A 435 3.01 -29.91 -11.61
C ASN A 435 2.42 -28.71 -12.35
N ARG A 436 2.94 -27.50 -12.13
CA ARG A 436 2.37 -26.23 -12.68
C ARG A 436 3.01 -25.92 -14.04
N GLY A 437 4.18 -26.47 -14.32
CA GLY A 437 5.05 -25.96 -15.39
C GLY A 437 5.37 -27.03 -16.43
N ASP A 438 6.08 -26.63 -17.49
CA ASP A 438 6.57 -27.54 -18.55
C ASP A 438 7.93 -27.01 -19.01
N PRO A 439 8.61 -27.63 -20.00
CA PRO A 439 9.89 -27.12 -20.50
C PRO A 439 9.95 -25.62 -20.82
N ASP A 440 8.84 -25.03 -21.23
CA ASP A 440 8.78 -23.60 -21.64
C ASP A 440 8.52 -22.70 -20.44
N THR A 441 7.81 -23.19 -19.40
CA THR A 441 7.24 -22.33 -18.33
C THR A 441 7.86 -22.62 -16.95
N TYR A 442 8.55 -23.76 -16.76
CA TYR A 442 8.94 -24.30 -15.43
C TYR A 442 9.64 -23.21 -14.60
N HIS A 443 10.36 -22.30 -15.27
CA HIS A 443 11.18 -21.26 -14.62
C HIS A 443 10.29 -20.24 -13.90
N LEU A 444 9.01 -20.14 -14.28
CA LEU A 444 8.04 -19.23 -13.62
C LEU A 444 7.71 -19.75 -12.22
N TYR A 445 7.92 -21.04 -11.95
CA TYR A 445 7.40 -21.71 -10.75
C TYR A 445 8.49 -22.29 -9.87
N SER A 446 9.61 -22.75 -10.46
CA SER A 446 10.61 -23.61 -9.76
C SER A 446 11.28 -22.82 -8.65
N ARG A 447 11.34 -23.41 -7.47
CA ARG A 447 12.11 -22.93 -6.30
C ARG A 447 13.55 -23.45 -6.36
N ASP A 448 13.89 -24.33 -7.32
CA ASP A 448 15.19 -25.05 -7.30
C ASP A 448 16.36 -24.07 -7.39
N PRO A 449 16.32 -22.99 -8.20
CA PRO A 449 17.44 -22.06 -8.30
C PRO A 449 17.94 -21.40 -7.01
N ALA A 450 17.09 -21.35 -5.99
CA ALA A 450 17.42 -20.82 -4.65
C ALA A 450 17.77 -21.96 -3.70
N ARG A 451 17.70 -23.21 -4.17
CA ARG A 451 18.09 -24.41 -3.37
C ARG A 451 19.41 -25.06 -3.85
N THR A 452 20.18 -24.44 -4.75
CA THR A 452 21.43 -25.06 -5.24
C THR A 452 22.45 -25.07 -4.12
N PRO A 453 23.37 -26.07 -4.08
CA PRO A 453 24.31 -26.24 -2.97
C PRO A 453 25.12 -25.01 -2.57
N TYR A 454 25.39 -24.91 -1.27
CA TYR A 454 26.08 -23.74 -0.63
C TYR A 454 27.51 -23.64 -1.20
N HIS A 455 28.02 -22.44 -1.38
CA HIS A 455 29.38 -22.26 -1.95
C HIS A 455 30.38 -22.07 -0.81
N TRP A 456 30.91 -23.19 -0.29
CA TRP A 456 31.98 -23.22 0.74
C TRP A 456 33.31 -22.70 0.19
N ASP A 457 33.72 -23.15 -1.00
CA ASP A 457 35.06 -22.85 -1.57
C ASP A 457 35.04 -23.09 -3.08
N ASN A 458 36.22 -23.08 -3.72
CA ASN A 458 36.34 -23.28 -5.19
C ASN A 458 36.74 -24.73 -5.51
N SER A 459 36.63 -25.66 -4.56
CA SER A 459 36.88 -27.12 -4.76
C SER A 459 35.69 -27.72 -5.50
N THR A 460 35.79 -29.00 -5.85
CA THR A 460 34.70 -29.79 -6.51
C THR A 460 33.35 -29.49 -5.85
N SER A 461 32.33 -29.15 -6.66
CA SER A 461 30.95 -28.87 -6.17
C SER A 461 31.00 -27.80 -5.07
N ALA A 462 31.87 -26.80 -5.23
CA ALA A 462 32.08 -25.65 -4.33
C ALA A 462 32.25 -26.09 -2.87
N GLY A 463 32.78 -27.29 -2.63
CA GLY A 463 33.08 -27.78 -1.27
C GLY A 463 31.84 -28.22 -0.53
N PHE A 464 30.66 -28.16 -1.17
CA PHE A 464 29.42 -28.74 -0.61
C PHE A 464 29.57 -30.26 -0.51
N SER A 465 30.12 -30.89 -1.56
CA SER A 465 30.34 -32.36 -1.65
C SER A 465 31.73 -32.72 -2.22
N THR A 466 32.21 -33.91 -1.83
CA THR A 466 33.33 -34.64 -2.51
C THR A 466 32.80 -35.19 -3.86
N SER A 467 31.50 -35.49 -3.97
CA SER A 467 30.86 -36.06 -5.19
C SER A 467 30.54 -34.93 -6.18
N THR A 468 30.66 -35.18 -7.49
CA THR A 468 30.19 -34.23 -8.53
C THR A 468 28.69 -34.40 -8.80
N ASN A 469 28.03 -35.36 -8.11
CA ASN A 469 26.59 -35.66 -8.33
C ASN A 469 25.75 -35.04 -7.22
N THR A 470 25.60 -33.73 -7.25
CA THR A 470 24.79 -32.94 -6.27
C THR A 470 23.30 -33.06 -6.65
N TRP A 471 22.43 -33.22 -5.67
CA TRP A 471 20.97 -33.45 -5.87
C TRP A 471 20.39 -32.34 -6.75
N LEU A 472 20.96 -31.13 -6.65
CA LEU A 472 20.74 -30.04 -7.61
C LEU A 472 22.11 -29.58 -8.10
N PRO A 473 22.21 -29.11 -9.36
CA PRO A 473 23.47 -28.62 -9.87
C PRO A 473 23.96 -27.37 -9.12
N VAL A 474 25.27 -27.35 -8.88
CA VAL A 474 25.98 -26.20 -8.25
C VAL A 474 25.99 -25.06 -9.26
N ALA A 475 25.69 -23.85 -8.79
CA ALA A 475 25.64 -22.64 -9.62
C ALA A 475 26.98 -22.48 -10.34
N GLU A 476 26.93 -21.96 -11.57
CA GLU A 476 28.09 -21.81 -12.47
C GLU A 476 29.10 -20.78 -11.95
N ASP A 477 28.78 -19.99 -10.92
CA ASP A 477 29.58 -18.78 -10.54
C ASP A 477 30.27 -19.06 -9.18
N TYR A 478 30.36 -20.32 -8.74
CA TYR A 478 30.91 -20.68 -7.41
C TYR A 478 32.39 -20.29 -7.32
N GLN A 479 33.09 -20.10 -8.45
CA GLN A 479 34.53 -19.71 -8.48
C GLN A 479 34.66 -18.24 -8.06
N GLU A 480 33.74 -17.39 -8.52
CA GLU A 480 33.63 -15.94 -8.15
C GLU A 480 32.98 -15.80 -6.77
N ILE A 481 32.03 -16.67 -6.39
CA ILE A 481 31.19 -16.50 -5.17
C ILE A 481 31.24 -17.73 -4.27
N ASN A 482 32.12 -17.67 -3.28
CA ASN A 482 32.26 -18.75 -2.30
C ASN A 482 32.84 -18.12 -1.04
N LEU A 483 32.59 -18.76 0.10
CA LEU A 483 32.90 -18.26 1.46
C LEU A 483 34.42 -18.18 1.67
N ALA A 484 35.18 -19.19 1.25
CA ALA A 484 36.66 -19.25 1.44
C ALA A 484 37.25 -17.99 0.82
N LYS A 485 36.90 -17.70 -0.44
CA LYS A 485 37.42 -16.54 -1.19
C LYS A 485 37.13 -15.24 -0.41
N GLN A 486 35.91 -15.14 0.15
CA GLN A 486 35.46 -13.90 0.83
C GLN A 486 36.18 -13.76 2.18
N LYS A 487 36.56 -14.87 2.80
CA LYS A 487 37.30 -14.85 4.09
C LYS A 487 38.75 -14.36 3.89
N GLU A 488 39.30 -14.42 2.67
CA GLU A 488 40.74 -14.13 2.40
C GLU A 488 40.90 -12.92 1.49
N THR A 489 39.84 -12.18 1.25
CA THR A 489 39.94 -10.90 0.51
C THR A 489 39.68 -9.80 1.53
N ALA A 490 40.34 -8.64 1.40
CA ALA A 490 40.25 -7.56 2.42
C ALA A 490 38.77 -7.15 2.57
N ARG A 491 38.05 -7.04 1.45
CA ARG A 491 36.65 -6.54 1.43
C ARG A 491 35.79 -7.58 0.75
N SER A 492 34.71 -7.99 1.40
CA SER A 492 33.78 -9.00 0.85
C SER A 492 32.42 -8.92 1.55
N HIS A 493 31.40 -9.59 0.96
CA HIS A 493 30.02 -9.64 1.49
C HIS A 493 30.09 -10.25 2.88
N PHE A 494 30.90 -11.30 3.03
CA PHE A 494 30.95 -12.04 4.30
C PHE A 494 31.60 -11.13 5.35
N LYS A 495 32.66 -10.42 5.03
CA LYS A 495 33.33 -9.56 6.05
C LYS A 495 32.39 -8.40 6.45
N ASN A 496 31.60 -7.87 5.51
CA ASN A 496 30.51 -6.88 5.80
C ASN A 496 29.46 -7.52 6.72
N TYR A 497 29.03 -8.76 6.43
CA TYR A 497 28.07 -9.51 7.27
C TYR A 497 28.59 -9.58 8.72
N GLN A 498 29.85 -9.96 8.88
CA GLN A 498 30.47 -10.13 10.20
C GLN A 498 30.49 -8.79 10.92
N ALA A 499 30.83 -7.72 10.21
CA ALA A 499 30.90 -6.35 10.78
C ALA A 499 29.50 -5.94 11.28
N LEU A 500 28.44 -6.35 10.57
CA LEU A 500 27.06 -5.93 10.90
C LEU A 500 26.54 -6.75 12.08
N THR A 501 26.80 -8.05 12.14
CA THR A 501 26.30 -8.89 13.25
C THR A 501 27.02 -8.38 14.51
N LYS A 502 28.30 -8.07 14.40
CA LYS A 502 29.07 -7.50 15.53
C LYS A 502 28.43 -6.18 15.98
N LEU A 503 28.07 -5.29 15.04
CA LEU A 503 27.45 -3.96 15.36
C LEU A 503 26.18 -4.15 16.21
N ARG A 504 25.45 -5.24 16.02
CA ARG A 504 24.14 -5.47 16.68
C ARG A 504 24.31 -5.64 18.18
N LYS A 505 25.54 -5.86 18.68
CA LYS A 505 25.81 -5.90 20.14
C LYS A 505 25.69 -4.50 20.74
N GLN A 506 25.86 -3.44 19.95
CA GLN A 506 25.79 -2.03 20.43
C GLN A 506 24.37 -1.69 20.91
N ALA A 507 24.24 -1.03 22.08
CA ALA A 507 22.97 -0.54 22.65
C ALA A 507 22.19 0.24 21.57
N THR A 508 22.88 0.98 20.69
CA THR A 508 22.23 1.83 19.67
C THR A 508 21.32 0.92 18.82
N LEU A 509 21.75 -0.29 18.48
CA LEU A 509 20.93 -1.18 17.61
C LEU A 509 19.95 -2.01 18.44
N SER A 510 20.31 -2.39 19.67
CA SER A 510 19.41 -3.22 20.50
C SER A 510 18.27 -2.36 21.06
N HIS A 511 18.53 -1.10 21.38
CA HIS A 511 17.58 -0.25 22.16
C HIS A 511 17.36 1.12 21.52
N GLY A 512 18.00 1.45 20.41
CA GLY A 512 17.92 2.82 19.88
C GLY A 512 16.65 3.06 19.11
N GLU A 513 16.34 4.35 18.92
CA GLU A 513 15.23 4.81 18.07
C GLU A 513 15.59 4.49 16.61
N TYR A 514 14.64 4.64 15.70
CA TYR A 514 14.93 4.65 14.23
C TYR A 514 14.29 5.88 13.62
N ASP A 515 14.90 6.37 12.53
CA ASP A 515 14.39 7.45 11.68
C ASP A 515 14.70 6.99 10.26
N ILE A 516 13.72 6.96 9.38
CA ILE A 516 13.94 6.48 8.00
C ILE A 516 13.18 7.42 7.07
N ARG A 517 13.83 7.83 6.00
CA ARG A 517 13.23 8.74 5.02
C ARG A 517 14.05 8.65 3.75
N ALA A 518 13.41 8.93 2.63
CA ALA A 518 14.07 9.03 1.31
C ALA A 518 14.63 10.44 1.14
N LEU A 519 15.85 10.56 0.64
CA LEU A 519 16.50 11.86 0.31
C LEU A 519 16.23 12.20 -1.15
N SER A 520 15.87 11.20 -1.95
CA SER A 520 15.51 11.34 -3.37
C SER A 520 14.78 10.06 -3.82
N ASP A 521 14.46 9.91 -5.11
CA ASP A 521 14.00 8.62 -5.68
C ASP A 521 15.11 7.56 -5.59
N ARG A 522 16.38 7.95 -5.42
CA ARG A 522 17.52 7.00 -5.56
C ARG A 522 18.05 6.57 -4.19
N THR A 523 18.05 7.46 -3.20
CA THR A 523 18.80 7.27 -1.95
C THR A 523 17.87 7.48 -0.73
N PHE A 524 17.99 6.60 0.25
CA PHE A 524 17.35 6.78 1.57
C PHE A 524 18.38 6.66 2.66
N TYR A 525 18.01 7.10 3.87
CA TYR A 525 18.75 6.91 5.11
C TYR A 525 17.93 6.13 6.13
N LEU A 526 18.65 5.43 6.99
CA LEU A 526 18.11 4.81 8.22
C LEU A 526 19.08 5.16 9.33
N VAL A 527 18.57 5.83 10.36
CA VAL A 527 19.40 6.27 11.50
C VAL A 527 18.91 5.53 12.73
N ARG A 528 19.85 4.98 13.48
CA ARG A 528 19.62 4.43 14.82
C ARG A 528 20.36 5.40 15.74
N SER A 529 19.68 5.85 16.77
CA SER A 529 20.19 6.85 17.74
C SER A 529 19.67 6.49 19.14
N LEU A 530 20.40 6.93 20.17
CA LEU A 530 20.10 6.59 21.57
C LEU A 530 21.00 7.52 22.39
N PRO A 531 20.42 8.36 23.27
CA PRO A 531 21.22 9.40 23.90
C PRO A 531 22.45 8.81 24.57
N THR A 532 23.60 9.46 24.31
CA THR A 532 24.93 9.18 24.93
C THR A 532 25.63 8.01 24.24
N HIS A 533 24.94 7.23 23.38
CA HIS A 533 25.54 6.14 22.58
C HIS A 533 25.75 6.60 21.13
N ASP A 534 26.67 5.96 20.42
CA ASP A 534 27.04 6.45 19.07
C ASP A 534 25.80 6.36 18.18
N THR A 535 25.76 7.24 17.18
CA THR A 535 24.71 7.26 16.14
C THR A 535 25.22 6.40 14.97
N TYR A 536 24.35 5.56 14.40
CA TYR A 536 24.67 4.75 13.20
C TYR A 536 23.69 5.08 12.08
N VAL A 537 24.21 5.38 10.90
CA VAL A 537 23.43 5.86 9.73
C VAL A 537 23.70 4.97 8.51
N LEU A 538 22.65 4.38 7.95
CA LEU A 538 22.72 3.77 6.62
C LEU A 538 22.40 4.86 5.61
N LEU A 539 23.20 4.98 4.58
CA LEU A 539 22.86 5.68 3.33
C LEU A 539 22.96 4.65 2.21
N PHE A 540 21.92 4.53 1.37
CA PHE A 540 21.80 3.47 0.35
C PHE A 540 21.21 4.06 -0.92
N ASN A 541 22.05 4.10 -1.96
CA ASN A 541 21.62 4.41 -3.33
C ASN A 541 21.10 3.10 -3.92
N VAL A 542 19.78 2.91 -4.00
CA VAL A 542 19.17 1.63 -4.44
C VAL A 542 19.01 1.64 -5.96
N SER A 543 19.42 2.72 -6.63
CA SER A 543 19.14 2.98 -8.06
C SER A 543 20.34 2.52 -8.88
N GLU A 544 20.21 2.60 -10.21
CA GLU A 544 21.25 2.20 -11.18
C GLU A 544 22.09 3.42 -11.59
N ARG A 545 22.01 4.54 -10.87
CA ARG A 545 22.63 5.82 -11.28
C ARG A 545 23.23 6.50 -10.05
N ARG A 546 24.29 7.27 -10.27
CA ARG A 546 24.93 8.17 -9.27
C ARG A 546 23.86 9.12 -8.70
N ASP A 547 23.97 9.45 -7.42
CA ASP A 547 23.04 10.36 -6.70
C ASP A 547 23.89 11.20 -5.75
N THR A 548 23.69 12.50 -5.71
CA THR A 548 24.40 13.41 -4.78
C THR A 548 23.34 13.87 -3.79
N VAL A 549 23.56 13.68 -2.50
CA VAL A 549 22.56 14.01 -1.45
C VAL A 549 23.22 15.00 -0.49
N ASP A 550 22.36 15.78 0.16
CA ASP A 550 22.72 16.72 1.24
C ASP A 550 22.59 16.00 2.59
N LEU A 551 23.73 15.70 3.22
CA LEU A 551 23.78 14.98 4.52
C LEU A 551 23.25 15.86 5.64
N GLY A 552 23.15 17.18 5.45
CA GLY A 552 22.44 18.07 6.40
C GLY A 552 20.97 17.70 6.52
N ARG A 553 20.38 17.03 5.52
CA ARG A 553 18.96 16.60 5.61
C ARG A 553 18.79 15.39 6.52
N VAL A 554 19.88 14.77 6.98
CA VAL A 554 19.82 13.50 7.76
C VAL A 554 19.77 13.85 9.24
N PRO A 555 18.74 13.43 9.98
CA PRO A 555 18.66 13.74 11.41
C PRO A 555 19.77 13.03 12.19
N HIS A 556 20.25 13.68 13.25
CA HIS A 556 21.18 13.12 14.26
C HIS A 556 22.56 12.92 13.64
N LEU A 557 22.77 13.21 12.37
CA LEU A 557 24.09 12.98 11.74
C LEU A 557 24.92 14.27 11.83
N THR A 558 25.98 14.25 12.63
CA THR A 558 27.04 15.30 12.67
C THR A 558 28.29 14.78 11.95
N LEU A 559 28.97 15.66 11.23
CA LEU A 559 30.24 15.40 10.53
C LEU A 559 31.34 16.12 11.32
N PRO A 560 32.59 15.63 11.29
CA PRO A 560 32.94 14.43 10.54
C PRO A 560 32.35 13.13 11.10
N ALA A 561 32.06 12.14 10.22
CA ALA A 561 31.62 10.79 10.61
C ALA A 561 32.54 9.74 9.98
N THR A 562 32.60 8.56 10.56
CA THR A 562 33.53 7.48 10.16
C THR A 562 32.75 6.36 9.47
N VAL A 563 33.22 5.94 8.30
CA VAL A 563 32.67 4.75 7.59
C VAL A 563 32.96 3.51 8.44
N TYR A 564 31.92 2.82 8.91
CA TYR A 564 32.01 1.53 9.64
C TYR A 564 31.99 0.38 8.62
N VAL A 565 31.07 0.42 7.64
CA VAL A 565 30.93 -0.59 6.56
C VAL A 565 30.61 0.16 5.28
N SER A 566 31.18 -0.27 4.17
CA SER A 566 30.82 0.20 2.82
C SER A 566 30.64 -1.02 1.90
N SER A 567 29.79 -0.87 0.89
CA SER A 567 29.61 -1.85 -0.20
C SER A 567 30.99 -2.19 -0.75
N ILE A 568 31.16 -3.40 -1.25
CA ILE A 568 32.49 -3.89 -1.75
C ILE A 568 32.93 -3.05 -2.94
N HIS A 569 32.05 -2.36 -3.64
CA HIS A 569 32.39 -1.52 -4.82
C HIS A 569 32.50 -0.05 -4.41
N SER A 570 32.28 0.31 -3.15
CA SER A 570 32.44 1.72 -2.69
C SER A 570 33.89 2.16 -2.88
N ALA A 571 34.12 3.42 -3.28
CA ALA A 571 35.43 4.12 -3.21
C ALA A 571 35.85 4.32 -1.75
N ARG A 572 34.90 4.28 -0.80
CA ARG A 572 35.16 4.55 0.64
C ARG A 572 35.40 3.24 1.39
N LEU A 573 36.49 3.20 2.13
CA LEU A 573 36.90 2.06 2.99
C LEU A 573 36.45 2.31 4.43
N ALA A 574 36.27 1.24 5.17
CA ALA A 574 36.07 1.27 6.63
C ALA A 574 37.18 2.14 7.21
N GLY A 575 36.85 3.08 8.09
CA GLY A 575 37.84 3.98 8.71
C GLY A 575 37.89 5.33 8.01
N HIS A 576 37.47 5.42 6.73
CA HIS A 576 37.35 6.68 5.94
C HIS A 576 36.49 7.69 6.71
N GLU A 577 36.89 8.97 6.72
CA GLU A 577 36.12 10.08 7.33
C GLU A 577 35.29 10.78 6.25
N ILE A 578 33.98 10.90 6.48
CA ILE A 578 33.03 11.73 5.67
C ILE A 578 33.04 13.14 6.31
N THR A 579 33.50 14.16 5.58
CA THR A 579 33.70 15.54 6.13
C THR A 579 32.80 16.52 5.37
N SER A 580 32.57 16.33 4.06
CA SER A 580 31.65 17.19 3.29
C SER A 580 30.19 16.75 3.52
N SER A 581 29.28 17.73 3.54
CA SER A 581 27.82 17.51 3.67
C SER A 581 27.26 17.03 2.32
N GLN A 582 27.95 17.27 1.21
CA GLN A 582 27.54 16.79 -0.15
C GLN A 582 28.22 15.44 -0.44
N LEU A 583 27.41 14.40 -0.68
CA LEU A 583 27.84 12.98 -0.78
C LEU A 583 27.29 12.43 -2.09
N SER A 584 28.18 12.06 -2.99
CA SER A 584 27.85 11.28 -4.21
C SER A 584 27.94 9.79 -3.89
N LEU A 585 26.83 9.09 -4.05
CA LEU A 585 26.77 7.61 -3.93
C LEU A 585 26.63 7.05 -5.35
N GLU A 586 27.45 6.05 -5.69
CA GLU A 586 27.37 5.33 -6.97
C GLU A 586 26.16 4.38 -6.89
N ALA A 587 25.73 3.89 -8.04
CA ALA A 587 24.66 2.86 -8.14
C ALA A 587 24.89 1.77 -7.10
N GLY A 588 23.88 1.51 -6.27
CA GLY A 588 23.92 0.39 -5.31
C GLY A 588 24.79 0.68 -4.11
N GLU A 589 25.44 1.82 -4.04
CA GLU A 589 26.42 2.03 -2.93
C GLU A 589 25.68 2.22 -1.61
N ALA A 590 26.17 1.60 -0.54
CA ALA A 590 25.66 1.68 0.83
C ALA A 590 26.83 1.98 1.75
N LEU A 591 26.66 2.96 2.62
CA LEU A 591 27.59 3.24 3.74
C LEU A 591 26.85 3.10 5.06
N VAL A 592 27.52 2.54 6.07
CA VAL A 592 27.13 2.69 7.49
C VAL A 592 28.12 3.69 8.09
N LEU A 593 27.62 4.86 8.54
CA LEU A 593 28.44 5.87 9.23
C LEU A 593 28.25 5.77 10.76
N LYS A 594 29.38 5.83 11.47
CA LYS A 594 29.44 5.95 12.93
C LYS A 594 29.63 7.44 13.22
N ALA A 595 28.72 8.01 14.01
CA ALA A 595 28.70 9.46 14.25
C ALA A 595 28.48 9.69 15.75
N GLN A 596 28.67 10.93 16.14
CA GLN A 596 28.61 11.41 17.53
C GLN A 596 27.27 11.01 18.11
N PRO A 597 27.21 10.65 19.40
CA PRO A 597 25.93 10.45 20.07
C PRO A 597 25.05 11.71 20.04
N ILE A 598 23.73 11.50 19.96
CA ILE A 598 22.72 12.55 20.29
C ILE A 598 22.68 12.72 21.81
N PRO B 30 9.31 32.48 26.87
CA PRO B 30 8.23 33.12 26.10
C PRO B 30 8.12 32.55 24.68
N PRO B 31 6.93 32.58 24.04
CA PRO B 31 6.74 31.87 22.76
C PRO B 31 7.53 32.54 21.62
N THR B 32 8.33 31.75 20.89
CA THR B 32 9.13 32.22 19.72
C THR B 32 8.22 32.90 18.69
N GLU B 33 8.78 33.90 18.01
CA GLU B 33 8.25 34.54 16.78
C GLU B 33 8.33 33.53 15.63
N VAL B 34 7.34 33.51 14.75
CA VAL B 34 7.33 32.67 13.51
C VAL B 34 7.04 33.58 12.30
N ILE B 35 7.72 33.35 11.17
CA ILE B 35 7.43 34.06 9.88
C ILE B 35 6.19 33.40 9.26
N GLN B 36 5.14 34.18 8.96
CA GLN B 36 3.85 33.69 8.40
C GLN B 36 4.12 32.99 7.06
N LEU B 37 3.44 31.87 6.81
CA LEU B 37 3.59 31.11 5.54
C LEU B 37 2.86 31.88 4.42
N ASP B 38 3.34 31.75 3.17
CA ASP B 38 2.54 32.06 1.96
C ASP B 38 1.16 31.39 2.06
N TRP B 39 0.12 32.08 1.59
CA TRP B 39 -1.30 31.72 1.82
C TRP B 39 -1.59 30.28 1.39
N TRP B 40 -1.02 29.87 0.26
CA TRP B 40 -1.39 28.61 -0.43
C TRP B 40 -0.74 27.40 0.25
N LYS B 41 0.18 27.62 1.18
CA LYS B 41 0.95 26.53 1.85
C LYS B 41 0.18 25.97 3.05
N ASN B 42 -0.76 26.73 3.58
CA ASN B 42 -1.57 26.25 4.72
C ASN B 42 -3.00 26.82 4.68
N CYS B 43 -3.52 27.15 3.50
CA CYS B 43 -4.93 27.58 3.37
C CYS B 43 -5.86 26.42 3.71
N VAL B 44 -7.01 26.74 4.30
CA VAL B 44 -8.22 25.87 4.22
C VAL B 44 -8.89 26.23 2.91
N LEU B 45 -8.94 25.26 2.01
CA LEU B 45 -9.47 25.41 0.65
C LEU B 45 -10.82 24.72 0.60
N TYR B 46 -11.86 25.43 0.22
CA TYR B 46 -13.27 24.95 0.22
C TYR B 46 -13.72 24.85 -1.23
N GLN B 47 -14.15 23.64 -1.60
CA GLN B 47 -14.69 23.37 -2.95
C GLN B 47 -16.20 23.68 -2.95
N ILE B 48 -16.58 24.67 -3.73
CA ILE B 48 -18.01 25.00 -3.98
C ILE B 48 -18.42 24.25 -5.24
N TYR B 49 -19.56 23.58 -5.16
CA TYR B 49 -20.28 23.07 -6.34
C TYR B 49 -21.43 24.04 -6.58
N PRO B 50 -21.21 25.07 -7.42
CA PRO B 50 -22.16 26.19 -7.54
C PRO B 50 -23.61 25.77 -7.80
N ARG B 51 -23.84 24.71 -8.56
CA ARG B 51 -25.22 24.29 -8.92
C ARG B 51 -26.01 23.88 -7.68
N SER B 52 -25.30 23.53 -6.60
CA SER B 52 -25.91 22.92 -5.41
C SER B 52 -25.66 23.73 -4.15
N PHE B 53 -25.04 24.91 -4.25
CA PHE B 53 -24.64 25.72 -3.07
C PHE B 53 -25.80 26.62 -2.61
N LYS B 54 -26.22 27.58 -3.42
CA LYS B 54 -27.30 28.52 -3.00
C LYS B 54 -28.03 29.02 -4.26
N ASP B 55 -29.32 28.73 -4.30
CA ASP B 55 -30.21 29.24 -5.37
C ASP B 55 -30.79 30.57 -4.89
N SER B 56 -30.48 31.66 -5.58
CA SER B 56 -30.94 33.02 -5.18
C SER B 56 -32.23 33.39 -5.91
N ASP B 57 -32.65 32.65 -6.93
CA ASP B 57 -33.73 33.08 -7.88
C ASP B 57 -34.85 32.02 -8.03
N GLY B 58 -34.86 30.93 -7.27
CA GLY B 58 -36.04 30.04 -7.19
C GLY B 58 -36.15 29.05 -8.33
N ASP B 59 -35.19 29.03 -9.28
CA ASP B 59 -35.14 28.05 -10.40
C ASP B 59 -34.60 26.69 -9.92
N GLY B 60 -34.22 26.56 -8.65
CA GLY B 60 -33.75 25.28 -8.07
C GLY B 60 -32.31 24.96 -8.47
N ILE B 61 -31.65 25.92 -9.14
CA ILE B 61 -30.25 25.87 -9.63
C ILE B 61 -29.43 26.89 -8.86
N GLY B 62 -28.35 26.44 -8.23
CA GLY B 62 -27.46 27.33 -7.48
C GLY B 62 -26.82 28.30 -8.44
N ASP B 63 -26.42 29.47 -7.96
CA ASP B 63 -25.99 30.52 -8.88
C ASP B 63 -24.99 31.46 -8.17
N LEU B 64 -24.39 32.36 -8.94
CA LEU B 64 -23.28 33.25 -8.44
C LEU B 64 -23.84 34.22 -7.38
N LYS B 65 -25.06 34.74 -7.60
CA LYS B 65 -25.67 35.68 -6.64
C LYS B 65 -25.91 34.90 -5.34
N GLY B 66 -26.28 33.63 -5.47
CA GLY B 66 -26.35 32.71 -4.33
C GLY B 66 -25.04 32.72 -3.55
N ILE B 67 -23.92 32.47 -4.26
CA ILE B 67 -22.57 32.40 -3.64
C ILE B 67 -22.26 33.77 -3.02
N ILE B 68 -22.47 34.85 -3.78
CA ILE B 68 -22.19 36.21 -3.26
C ILE B 68 -22.92 36.39 -1.93
N SER B 69 -24.18 35.98 -1.84
CA SER B 69 -25.07 36.19 -0.65
C SER B 69 -24.52 35.46 0.57
N GLU B 70 -23.70 34.43 0.38
CA GLU B 70 -23.14 33.61 1.48
C GLU B 70 -21.61 33.61 1.53
N LEU B 71 -20.92 34.61 0.95
CA LEU B 71 -19.46 34.71 1.08
C LEU B 71 -19.07 34.79 2.57
N LYS B 72 -19.94 35.39 3.40
CA LYS B 72 -19.71 35.52 4.86
C LYS B 72 -19.65 34.12 5.51
N HIS B 73 -20.32 33.11 4.98
CA HIS B 73 -20.22 31.72 5.48
C HIS B 73 -18.74 31.24 5.54
N PHE B 74 -17.93 31.58 4.54
CA PHE B 74 -16.52 31.13 4.47
C PHE B 74 -15.68 31.83 5.53
N VAL B 75 -15.95 33.12 5.79
CA VAL B 75 -15.25 33.87 6.87
C VAL B 75 -15.66 33.23 8.22
N ASP B 76 -16.95 32.98 8.40
CA ASP B 76 -17.52 32.34 9.62
C ASP B 76 -16.89 30.96 9.84
N ALA B 77 -16.66 30.20 8.76
CA ALA B 77 -16.16 28.81 8.83
C ALA B 77 -14.64 28.79 9.04
N GLY B 78 -13.94 29.89 8.76
CA GLY B 78 -12.47 29.98 8.83
C GLY B 78 -11.83 29.42 7.56
N VAL B 79 -12.55 29.47 6.43
CA VAL B 79 -12.02 29.13 5.09
C VAL B 79 -11.17 30.30 4.58
N ASP B 80 -10.06 29.98 3.94
CA ASP B 80 -9.09 30.98 3.42
C ASP B 80 -9.28 31.19 1.92
N ALA B 81 -9.71 30.15 1.22
CA ALA B 81 -9.75 30.12 -0.24
C ALA B 81 -10.96 29.27 -0.65
N ILE B 82 -11.65 29.70 -1.69
CA ILE B 82 -12.73 28.91 -2.33
C ILE B 82 -12.32 28.56 -3.76
N TRP B 83 -12.67 27.36 -4.18
CA TRP B 83 -12.57 27.02 -5.62
C TRP B 83 -13.95 26.59 -6.05
N MET B 84 -14.33 27.05 -7.21
CA MET B 84 -15.65 26.72 -7.76
C MET B 84 -15.48 25.66 -8.83
N SER B 85 -16.32 24.64 -8.78
CA SER B 85 -16.49 23.76 -9.96
C SER B 85 -16.92 24.65 -11.13
N PRO B 86 -16.83 24.14 -12.37
CA PRO B 86 -16.88 25.00 -13.55
C PRO B 86 -18.18 25.82 -13.66
N ILE B 87 -17.98 27.11 -13.95
CA ILE B 87 -19.05 28.12 -14.14
C ILE B 87 -18.97 28.72 -15.53
N PHE B 88 -18.18 28.17 -16.45
CA PHE B 88 -18.03 28.75 -17.81
C PHE B 88 -19.19 28.28 -18.68
N GLU B 89 -19.43 29.00 -19.77
N GLU B 89 -19.42 29.00 -19.78
CA GLU B 89 -20.52 28.65 -20.71
CA GLU B 89 -20.50 28.68 -20.74
C GLU B 89 -20.38 27.16 -21.03
C GLU B 89 -20.39 27.19 -21.07
N SER B 90 -21.50 26.45 -20.98
CA SER B 90 -21.54 24.98 -21.09
C SER B 90 -22.94 24.54 -21.46
N PRO B 91 -23.09 23.60 -22.43
CA PRO B 91 -24.39 22.97 -22.62
C PRO B 91 -24.85 22.12 -21.43
N MET B 92 -24.02 21.92 -20.38
CA MET B 92 -24.42 21.18 -19.12
C MET B 92 -24.60 19.66 -19.32
N VAL B 93 -24.08 19.05 -20.39
CA VAL B 93 -24.10 17.57 -20.56
C VAL B 93 -23.41 16.90 -19.37
N ASP B 94 -22.25 17.44 -18.94
CA ASP B 94 -21.47 17.02 -17.75
C ASP B 94 -21.39 18.18 -16.74
N PHE B 95 -22.53 18.88 -16.59
CA PHE B 95 -22.76 19.96 -15.60
C PHE B 95 -21.51 20.85 -15.44
N GLY B 96 -21.03 21.38 -16.57
CA GLY B 96 -19.97 22.40 -16.55
C GLY B 96 -18.64 21.91 -17.11
N TYR B 97 -18.35 20.60 -17.09
CA TYR B 97 -17.08 20.01 -17.57
C TYR B 97 -17.06 19.90 -19.10
N ASP B 98 -18.18 20.24 -19.76
CA ASP B 98 -18.32 20.36 -21.24
C ASP B 98 -18.44 21.85 -21.57
N ILE B 99 -17.30 22.50 -21.82
CA ILE B 99 -17.23 23.99 -21.87
C ILE B 99 -17.32 24.43 -23.35
N SER B 100 -18.32 25.25 -23.67
CA SER B 100 -18.52 25.80 -25.04
C SER B 100 -17.86 27.18 -25.18
N ASN B 101 -17.60 27.87 -24.07
CA ASN B 101 -16.85 29.15 -24.13
C ASN B 101 -16.09 29.33 -22.83
N PHE B 102 -14.78 29.29 -22.94
CA PHE B 102 -13.85 29.34 -21.77
C PHE B 102 -13.66 30.78 -21.32
N TYR B 103 -14.30 31.75 -21.97
CA TYR B 103 -14.12 33.21 -21.65
C TYR B 103 -15.43 33.85 -21.17
N ASP B 104 -16.46 33.07 -20.85
CA ASP B 104 -17.70 33.69 -20.30
C ASP B 104 -18.42 32.74 -19.34
N ILE B 105 -19.42 33.28 -18.66
CA ILE B 105 -20.11 32.59 -17.53
C ILE B 105 -21.36 31.92 -18.09
N HIS B 106 -21.66 30.74 -17.56
CA HIS B 106 -22.89 29.97 -17.87
C HIS B 106 -24.13 30.74 -17.36
N TYR B 107 -25.11 30.93 -18.23
CA TYR B 107 -26.24 31.88 -18.00
C TYR B 107 -27.03 31.44 -16.77
N GLU B 108 -27.13 30.13 -16.48
CA GLU B 108 -27.94 29.68 -15.31
C GLU B 108 -27.28 30.18 -14.03
N TYR B 109 -25.95 30.30 -14.03
CA TYR B 109 -25.18 30.71 -12.84
C TYR B 109 -25.15 32.22 -12.74
N GLY B 110 -25.16 32.88 -13.88
CA GLY B 110 -25.19 34.35 -13.93
C GLY B 110 -24.38 34.93 -15.06
N THR B 111 -23.82 36.11 -14.82
CA THR B 111 -23.13 36.91 -15.85
C THR B 111 -21.69 37.15 -15.42
N MET B 112 -20.88 37.61 -16.37
CA MET B 112 -19.51 38.10 -16.10
C MET B 112 -19.55 39.14 -14.97
N GLU B 113 -20.57 40.01 -14.95
CA GLU B 113 -20.69 41.08 -13.95
C GLU B 113 -20.89 40.48 -12.54
N ASP B 114 -21.72 39.45 -12.45
CA ASP B 114 -21.91 38.69 -11.18
C ASP B 114 -20.57 38.08 -10.77
N PHE B 115 -19.80 37.56 -11.73
CA PHE B 115 -18.47 36.97 -11.45
C PHE B 115 -17.55 38.06 -10.87
N GLU B 116 -17.43 39.19 -11.60
CA GLU B 116 -16.58 40.33 -11.18
C GLU B 116 -17.02 40.76 -9.77
N GLU B 117 -18.31 40.74 -9.48
CA GLU B 117 -18.85 41.15 -8.15
C GLU B 117 -18.41 40.12 -7.11
N LEU B 118 -18.55 38.82 -7.42
CA LEU B 118 -18.11 37.73 -6.49
C LEU B 118 -16.62 37.94 -6.14
N LEU B 119 -15.76 38.11 -7.14
CA LEU B 119 -14.30 38.31 -6.93
C LEU B 119 -14.09 39.51 -6.00
N ASP B 120 -14.76 40.63 -6.28
CA ASP B 120 -14.54 41.88 -5.51
CA ASP B 120 -14.58 41.89 -5.51
C ASP B 120 -14.96 41.64 -4.06
N LYS B 121 -16.14 41.09 -3.84
CA LYS B 121 -16.65 40.92 -2.46
C LYS B 121 -15.84 39.86 -1.72
N ALA B 122 -15.42 38.79 -2.39
CA ALA B 122 -14.58 37.72 -1.81
C ALA B 122 -13.26 38.33 -1.34
N HIS B 123 -12.60 39.08 -2.23
CA HIS B 123 -11.30 39.75 -1.95
C HIS B 123 -11.48 40.76 -0.84
N GLU B 124 -12.59 41.48 -0.83
CA GLU B 124 -12.89 42.48 0.24
C GLU B 124 -12.90 41.75 1.60
N LEU B 125 -13.43 40.52 1.63
CA LEU B 125 -13.55 39.71 2.87
C LEU B 125 -12.24 38.98 3.17
N GLY B 126 -11.21 39.09 2.31
CA GLY B 126 -9.89 38.48 2.50
C GLY B 126 -9.80 37.06 1.95
N LEU B 127 -10.79 36.57 1.23
CA LEU B 127 -10.81 35.23 0.60
C LEU B 127 -10.01 35.21 -0.70
N LYS B 128 -9.36 34.07 -0.98
CA LYS B 128 -8.82 33.75 -2.32
C LYS B 128 -9.91 33.02 -3.12
N VAL B 129 -9.95 33.21 -4.43
CA VAL B 129 -10.94 32.54 -5.30
C VAL B 129 -10.19 31.86 -6.46
N LEU B 130 -10.41 30.56 -6.64
CA LEU B 130 -9.79 29.74 -7.72
C LEU B 130 -10.91 29.24 -8.64
N LEU B 131 -10.61 29.25 -9.94
CA LEU B 131 -11.52 28.71 -10.97
C LEU B 131 -11.11 27.30 -11.35
N ASP B 132 -12.09 26.50 -11.75
CA ASP B 132 -11.88 25.12 -12.24
C ASP B 132 -11.83 25.19 -13.75
N PHE B 133 -10.70 24.88 -14.35
CA PHE B 133 -10.55 24.92 -15.82
C PHE B 133 -10.15 23.50 -16.21
N VAL B 134 -10.77 23.09 -17.31
CA VAL B 134 -10.91 21.72 -17.81
C VAL B 134 -10.05 21.65 -19.07
N PRO B 135 -8.70 21.50 -19.01
CA PRO B 135 -7.89 21.67 -20.22
C PRO B 135 -8.01 20.50 -21.21
N ASN B 136 -8.46 19.34 -20.76
CA ASN B 136 -8.37 18.11 -21.59
C ASN B 136 -9.29 18.20 -22.81
N HIS B 137 -10.43 18.89 -22.71
CA HIS B 137 -11.56 18.75 -23.69
C HIS B 137 -12.45 19.97 -23.67
N ALA B 138 -13.12 20.18 -24.81
CA ALA B 138 -14.09 21.24 -25.07
C ALA B 138 -15.42 20.62 -25.51
N SER B 139 -16.50 21.32 -25.25
CA SER B 139 -17.85 20.99 -25.77
C SER B 139 -17.74 20.89 -27.29
N ASN B 140 -18.50 19.98 -27.90
CA ASN B 140 -18.75 19.95 -29.36
C ASN B 140 -19.55 21.19 -29.80
N GLU B 141 -20.00 22.04 -28.88
CA GLU B 141 -20.70 23.32 -29.21
C GLU B 141 -19.71 24.49 -29.09
N SER B 142 -18.46 24.24 -28.72
CA SER B 142 -17.38 25.27 -28.71
C SER B 142 -17.10 25.71 -30.15
N GLU B 143 -16.73 26.96 -30.34
CA GLU B 143 -16.27 27.47 -31.67
C GLU B 143 -15.02 26.69 -32.07
N TYR B 144 -14.12 26.35 -31.12
CA TYR B 144 -12.95 25.48 -31.42
C TYR B 144 -13.43 24.28 -32.22
N PHE B 145 -14.41 23.53 -31.73
CA PHE B 145 -14.78 22.24 -32.35
C PHE B 145 -15.54 22.49 -33.66
N ILE B 146 -16.41 23.49 -33.68
CA ILE B 146 -17.18 23.79 -34.92
C ILE B 146 -16.17 24.14 -36.02
N LYS B 147 -15.16 24.94 -35.69
CA LYS B 147 -14.13 25.32 -36.69
C LYS B 147 -13.32 24.09 -37.07
N SER B 148 -13.00 23.22 -36.10
CA SER B 148 -12.14 22.04 -36.34
C SER B 148 -12.89 21.05 -37.24
N GLU B 149 -14.15 20.78 -36.95
CA GLU B 149 -14.95 19.81 -37.73
C GLU B 149 -15.04 20.27 -39.20
N ALA B 150 -14.95 21.57 -39.44
CA ALA B 150 -15.08 22.22 -40.78
C ALA B 150 -13.70 22.31 -41.45
N ARG B 151 -12.66 21.80 -40.79
CA ARG B 151 -11.24 21.89 -41.23
C ARG B 151 -10.88 23.37 -41.44
N GLU B 152 -11.38 24.27 -40.61
CA GLU B 152 -11.01 25.69 -40.76
C GLU B 152 -9.53 25.87 -40.45
N PRO B 153 -8.81 26.70 -41.24
CA PRO B 153 -7.42 27.04 -40.93
C PRO B 153 -7.30 27.45 -39.46
N GLY B 154 -6.29 26.96 -38.76
CA GLY B 154 -5.99 27.27 -37.37
C GLY B 154 -6.64 26.26 -36.41
N TYR B 155 -7.61 25.46 -36.89
CA TYR B 155 -8.43 24.62 -35.99
C TYR B 155 -8.56 23.19 -36.49
N GLU B 156 -8.19 22.91 -37.74
CA GLU B 156 -8.29 21.54 -38.31
C GLU B 156 -7.66 20.55 -37.32
N ASN B 157 -6.50 20.87 -36.75
CA ASN B 157 -5.71 19.90 -35.93
C ASN B 157 -5.81 20.27 -34.45
N PHE B 158 -6.88 20.94 -34.06
CA PHE B 158 -7.07 21.39 -32.67
C PHE B 158 -7.46 20.20 -31.79
N PHE B 159 -8.10 19.21 -32.39
CA PHE B 159 -8.54 17.99 -31.67
C PHE B 159 -7.86 16.78 -32.30
N ILE B 160 -8.06 15.61 -31.72
CA ILE B 160 -7.51 14.33 -32.23
C ILE B 160 -8.51 13.72 -33.21
N TRP B 161 -8.18 13.80 -34.48
CA TRP B 161 -8.97 13.28 -35.62
C TRP B 161 -8.22 12.09 -36.25
N ALA B 162 -8.90 11.00 -36.54
CA ALA B 162 -8.25 9.78 -37.07
C ALA B 162 -9.13 9.14 -38.14
N ASP B 163 -8.49 8.51 -39.11
CA ASP B 163 -9.19 7.66 -40.11
C ASP B 163 -9.60 6.35 -39.48
N PRO B 164 -10.62 5.67 -40.05
CA PRO B 164 -10.92 4.31 -39.66
C PRO B 164 -9.65 3.45 -39.83
N LEU B 165 -9.53 2.43 -38.99
CA LEU B 165 -8.51 1.38 -39.13
C LEU B 165 -8.83 0.60 -40.40
N PRO B 166 -7.86 0.45 -41.32
CA PRO B 166 -8.11 -0.31 -42.56
C PRO B 166 -8.67 -1.70 -42.23
N ASN B 167 -9.74 -2.07 -42.92
CA ASN B 167 -10.43 -3.37 -42.78
C ASN B 167 -10.46 -4.04 -44.15
N PRO B 168 -9.30 -4.58 -44.64
CA PRO B 168 -9.24 -5.13 -45.99
C PRO B 168 -10.05 -6.44 -46.04
N GLU B 169 -10.12 -7.15 -44.90
CA GLU B 169 -10.82 -8.45 -44.72
C GLU B 169 -12.30 -8.34 -45.10
N ASN B 170 -12.87 -7.12 -45.07
CA ASN B 170 -14.19 -6.79 -45.71
C ASN B 170 -14.36 -5.28 -45.70
N PRO B 171 -13.88 -4.55 -46.73
CA PRO B 171 -13.81 -3.09 -46.69
C PRO B 171 -15.18 -2.44 -46.39
N GLY B 172 -16.26 -3.22 -46.44
CA GLY B 172 -17.65 -2.76 -46.24
C GLY B 172 -17.88 -2.09 -44.89
N VAL B 173 -17.27 -2.63 -43.82
CA VAL B 173 -17.56 -2.25 -42.41
C VAL B 173 -16.42 -1.38 -41.86
N ARG B 174 -16.76 -0.19 -41.39
CA ARG B 174 -15.82 0.82 -40.83
C ARG B 174 -15.39 0.36 -39.44
N LEU B 175 -14.09 0.36 -39.17
CA LEU B 175 -13.53 0.02 -37.84
C LEU B 175 -13.03 1.32 -37.23
N PRO B 176 -13.15 1.52 -35.89
CA PRO B 176 -12.55 2.70 -35.26
C PRO B 176 -11.04 2.61 -35.20
N PRO B 177 -10.34 3.75 -34.96
CA PRO B 177 -8.88 3.78 -35.00
C PRO B 177 -8.24 2.79 -34.01
N SER B 178 -8.88 2.55 -32.87
CA SER B 178 -8.38 1.59 -31.85
C SER B 178 -9.53 1.18 -30.93
N ASN B 179 -9.24 0.29 -29.98
CA ASN B 179 -10.24 -0.28 -29.05
C ASN B 179 -10.44 0.66 -27.86
N TRP B 180 -9.95 1.90 -27.91
CA TRP B 180 -9.94 2.76 -26.69
C TRP B 180 -11.36 2.95 -26.15
N VAL B 181 -11.51 2.88 -24.82
CA VAL B 181 -12.83 2.96 -24.13
C VAL B 181 -12.93 4.30 -23.42
N SER B 182 -14.04 5.02 -23.61
CA SER B 182 -14.42 6.27 -22.91
C SER B 182 -14.61 5.98 -21.42
N GLN B 183 -14.17 6.90 -20.58
CA GLN B 183 -14.45 6.88 -19.11
C GLN B 183 -15.96 6.85 -18.85
N PHE B 184 -16.79 7.31 -19.80
CA PHE B 184 -18.27 7.32 -19.65
C PHE B 184 -18.91 6.22 -20.52
N GLY B 185 -18.16 5.19 -20.91
CA GLY B 185 -18.75 4.01 -21.60
C GLY B 185 -18.75 4.20 -23.11
N GLY B 186 -18.66 3.09 -23.85
CA GLY B 186 -18.59 3.08 -25.31
C GLY B 186 -17.19 3.39 -25.83
N SER B 187 -17.05 3.38 -27.14
CA SER B 187 -15.80 3.79 -27.80
C SER B 187 -15.41 5.22 -27.37
N ALA B 188 -14.11 5.49 -27.25
CA ALA B 188 -13.57 6.85 -27.11
C ALA B 188 -13.50 7.53 -28.49
N TRP B 189 -14.01 6.89 -29.54
CA TRP B 189 -13.93 7.42 -30.93
C TRP B 189 -15.33 7.67 -31.47
N GLU B 190 -15.64 8.90 -31.91
CA GLU B 190 -16.94 9.26 -32.50
C GLU B 190 -16.75 9.61 -33.98
N TRP B 191 -17.49 8.91 -34.85
CA TRP B 191 -17.54 9.23 -36.31
C TRP B 191 -18.22 10.58 -36.54
N SER B 192 -17.55 11.46 -37.28
CA SER B 192 -18.09 12.73 -37.80
C SER B 192 -18.46 12.53 -39.27
N GLU B 193 -19.75 12.52 -39.62
CA GLU B 193 -20.20 12.40 -41.03
C GLU B 193 -19.64 13.59 -41.80
N LYS B 194 -19.54 14.76 -41.17
CA LYS B 194 -19.12 15.98 -41.87
C LYS B 194 -17.67 15.82 -42.31
N ARG B 195 -16.80 15.46 -41.37
CA ARG B 195 -15.35 15.46 -41.67
C ARG B 195 -14.90 14.11 -42.22
N GLN B 196 -15.76 13.07 -42.21
CA GLN B 196 -15.42 11.67 -42.60
C GLN B 196 -14.13 11.25 -41.84
N GLN B 197 -14.12 11.45 -40.52
CA GLN B 197 -13.05 10.98 -39.61
C GLN B 197 -13.66 10.84 -38.23
N TYR B 198 -12.96 10.10 -37.38
CA TYR B 198 -13.31 9.92 -35.95
C TYR B 198 -12.63 11.03 -35.16
N TYR B 199 -13.29 11.52 -34.12
CA TYR B 199 -12.62 12.35 -33.10
C TYR B 199 -12.59 11.57 -31.80
N LEU B 200 -11.61 11.91 -30.98
CA LEU B 200 -11.37 11.26 -29.67
C LEU B 200 -12.21 11.95 -28.62
N HIS B 201 -12.87 11.17 -27.76
CA HIS B 201 -13.52 11.70 -26.54
C HIS B 201 -13.24 10.71 -25.41
N GLN B 202 -12.37 11.06 -24.50
CA GLN B 202 -12.10 10.16 -23.37
C GLN B 202 -13.30 10.26 -22.40
N PHE B 203 -14.07 11.35 -22.47
CA PHE B 203 -15.29 11.49 -21.64
C PHE B 203 -16.52 11.34 -22.54
N ALA B 204 -17.49 12.25 -22.47
CA ALA B 204 -18.77 12.08 -23.21
C ALA B 204 -18.51 12.35 -24.68
N ILE B 205 -19.40 11.83 -25.54
CA ILE B 205 -19.32 12.12 -27.00
C ILE B 205 -19.15 13.64 -27.20
N GLN B 206 -19.75 14.46 -26.32
CA GLN B 206 -19.84 15.94 -26.48
C GLN B 206 -18.58 16.62 -25.89
N GLN B 207 -17.66 15.85 -25.30
CA GLN B 207 -16.41 16.37 -24.67
C GLN B 207 -15.23 15.94 -25.58
N VAL B 208 -14.79 16.84 -26.45
CA VAL B 208 -13.80 16.49 -27.50
C VAL B 208 -12.37 16.82 -27.01
N ASP B 209 -11.47 15.85 -27.09
CA ASP B 209 -10.09 15.92 -26.57
C ASP B 209 -9.27 16.82 -27.48
N PHE B 210 -8.70 17.86 -26.90
CA PHE B 210 -7.73 18.71 -27.61
C PHE B 210 -6.50 17.86 -27.96
N ASP B 211 -5.78 18.27 -29.01
CA ASP B 211 -4.44 17.71 -29.31
C ASP B 211 -3.37 18.50 -28.55
N PHE B 212 -2.85 17.95 -27.45
CA PHE B 212 -1.82 18.64 -26.62
C PHE B 212 -0.41 18.57 -27.21
N ARG B 213 -0.26 18.07 -28.44
CA ARG B 213 1.02 18.19 -29.19
C ARG B 213 0.92 19.38 -30.16
N ASN B 214 -0.22 20.06 -30.16
CA ASN B 214 -0.48 21.23 -31.02
C ASN B 214 -0.02 22.47 -30.26
N PRO B 215 1.04 23.17 -30.72
CA PRO B 215 1.46 24.39 -30.04
C PRO B 215 0.33 25.44 -29.97
N ALA B 216 -0.64 25.42 -30.90
CA ALA B 216 -1.76 26.41 -30.90
C ALA B 216 -2.73 26.08 -29.76
N VAL B 217 -2.95 24.79 -29.49
CA VAL B 217 -3.74 24.34 -28.31
C VAL B 217 -3.04 24.80 -27.04
N LYS B 218 -1.74 24.57 -26.93
CA LYS B 218 -0.99 24.90 -25.69
C LYS B 218 -1.05 26.41 -25.49
N GLN B 219 -0.92 27.17 -26.58
CA GLN B 219 -0.96 28.66 -26.43
C GLN B 219 -2.37 29.10 -26.01
N GLU B 220 -3.42 28.45 -26.53
CA GLU B 220 -4.79 28.81 -26.17
C GLU B 220 -4.98 28.59 -24.65
N MET B 221 -4.35 27.58 -24.06
CA MET B 221 -4.49 27.30 -22.60
C MET B 221 -3.84 28.44 -21.80
N PHE B 222 -2.71 28.97 -22.26
CA PHE B 222 -2.10 30.19 -21.67
C PHE B 222 -3.09 31.37 -21.77
N ASN B 223 -3.72 31.55 -22.93
CA ASN B 223 -4.64 32.68 -23.20
C ASN B 223 -5.81 32.60 -22.23
N ILE B 224 -6.37 31.41 -22.01
CA ILE B 224 -7.51 31.24 -21.08
C ILE B 224 -7.05 31.62 -19.67
N MET B 225 -5.92 31.07 -19.24
CA MET B 225 -5.53 31.30 -17.83
C MET B 225 -5.20 32.80 -17.68
N LYS B 226 -4.50 33.42 -18.64
CA LYS B 226 -4.17 34.87 -18.52
C LYS B 226 -5.45 35.71 -18.36
N PHE B 227 -6.51 35.38 -19.13
CA PHE B 227 -7.78 36.13 -19.18
C PHE B 227 -8.38 36.15 -17.77
N TRP B 228 -8.46 34.98 -17.14
CA TRP B 228 -9.05 34.89 -15.78
C TRP B 228 -8.10 35.40 -14.70
N LEU B 229 -6.79 35.20 -14.83
CA LEU B 229 -5.86 35.86 -13.88
C LEU B 229 -5.99 37.39 -14.00
N ASP B 230 -6.08 37.91 -15.22
CA ASP B 230 -6.24 39.38 -15.46
C ASP B 230 -7.53 39.89 -14.79
N LYS B 231 -8.65 39.17 -14.85
CA LYS B 231 -9.90 39.47 -14.09
C LYS B 231 -9.62 39.50 -12.57
N GLY B 232 -8.63 38.74 -12.09
CA GLY B 232 -8.20 38.73 -10.68
C GLY B 232 -8.39 37.41 -9.97
N ALA B 233 -8.63 36.29 -10.68
CA ALA B 233 -8.58 34.94 -10.09
C ALA B 233 -7.23 34.75 -9.40
N ASP B 234 -7.24 34.11 -8.25
CA ASP B 234 -6.01 33.79 -7.48
C ASP B 234 -5.40 32.46 -7.92
N GLY B 235 -6.02 31.72 -8.83
CA GLY B 235 -5.41 30.53 -9.42
C GLY B 235 -6.46 29.59 -9.96
N PHE B 236 -6.05 28.37 -10.26
CA PHE B 236 -6.87 27.35 -10.97
C PHE B 236 -6.72 25.99 -10.33
N ARG B 237 -7.79 25.21 -10.40
CA ARG B 237 -7.78 23.77 -10.22
C ARG B 237 -7.87 23.24 -11.64
N LEU B 238 -6.98 22.34 -12.01
CA LEU B 238 -6.84 21.88 -13.41
C LEU B 238 -7.27 20.41 -13.47
N ASP B 239 -8.29 20.20 -14.26
CA ASP B 239 -9.11 18.97 -14.38
C ASP B 239 -8.50 17.89 -15.29
N ALA B 240 -8.67 16.63 -14.88
CA ALA B 240 -8.55 15.39 -15.69
C ALA B 240 -7.18 15.32 -16.39
N LEU B 241 -6.12 15.79 -15.72
CA LEU B 241 -4.77 15.85 -16.33
C LEU B 241 -4.20 14.49 -16.76
N PRO B 242 -4.48 13.33 -16.10
CA PRO B 242 -3.99 12.05 -16.61
C PRO B 242 -4.32 11.77 -18.08
N TYR B 243 -5.41 12.34 -18.63
CA TYR B 243 -5.92 12.02 -19.98
C TYR B 243 -5.41 12.99 -21.05
N LEU B 244 -4.49 13.89 -20.72
CA LEU B 244 -4.15 14.97 -21.67
C LEU B 244 -3.66 14.34 -22.98
N ILE B 245 -2.65 13.48 -22.89
CA ILE B 245 -1.88 12.98 -24.07
C ILE B 245 -2.09 11.47 -24.26
N GLU B 246 -2.28 11.09 -25.51
CA GLU B 246 -2.40 9.68 -25.92
C GLU B 246 -1.25 9.34 -26.88
N ALA B 247 -1.09 8.05 -27.17
CA ALA B 247 0.05 7.56 -28.00
C ALA B 247 0.00 8.26 -29.36
N ASP B 248 1.18 8.62 -29.87
CA ASP B 248 1.35 9.22 -31.21
C ASP B 248 1.39 8.06 -32.21
N PRO B 249 0.49 7.98 -33.19
CA PRO B 249 0.59 6.96 -34.23
C PRO B 249 1.98 6.88 -34.90
N ALA B 250 2.80 7.93 -34.89
CA ALA B 250 4.18 7.86 -35.45
C ALA B 250 4.99 6.77 -34.73
N ASP B 251 4.67 6.47 -33.46
CA ASP B 251 5.42 5.51 -32.62
C ASP B 251 4.86 4.11 -32.81
N HIS B 252 3.81 3.92 -33.60
CA HIS B 252 3.06 2.64 -33.68
C HIS B 252 2.72 2.34 -35.14
N GLU B 253 3.65 2.68 -36.03
CA GLU B 253 3.60 2.33 -37.47
C GLU B 253 2.43 3.05 -38.16
N GLY B 254 2.13 4.29 -37.77
CA GLY B 254 1.06 5.12 -38.35
C GLY B 254 -0.34 4.67 -37.97
N ARG B 255 -0.53 3.95 -36.87
CA ARG B 255 -1.89 3.70 -36.33
C ARG B 255 -1.89 4.04 -34.85
N TYR B 256 -3.09 4.26 -34.33
CA TYR B 256 -3.38 4.37 -32.87
C TYR B 256 -3.32 2.96 -32.34
N PRO B 257 -2.44 2.69 -31.35
CA PRO B 257 -2.27 1.34 -30.83
C PRO B 257 -3.45 0.98 -29.93
N ASP B 258 -3.93 -0.26 -30.00
CA ASP B 258 -4.92 -0.74 -29.03
C ASP B 258 -4.36 -0.64 -27.62
N ASP B 259 -5.20 -0.27 -26.66
CA ASP B 259 -4.86 -0.44 -25.25
C ASP B 259 -4.85 -1.93 -24.94
N PRO B 260 -3.90 -2.41 -24.14
CA PRO B 260 -3.94 -3.79 -23.67
C PRO B 260 -5.31 -4.11 -23.06
N LEU B 261 -5.73 -5.37 -23.22
CA LEU B 261 -6.96 -5.95 -22.61
C LEU B 261 -6.71 -6.26 -21.13
N SER B 262 -7.64 -5.90 -20.28
CA SER B 262 -7.61 -6.26 -18.85
C SER B 262 -7.72 -7.77 -18.68
N GLY B 263 -8.45 -8.43 -19.58
CA GLY B 263 -8.84 -9.86 -19.46
C GLY B 263 -9.68 -10.14 -18.22
N LEU B 264 -10.49 -9.18 -17.77
CA LEU B 264 -11.51 -9.40 -16.73
C LEU B 264 -12.82 -9.85 -17.37
N THR B 265 -13.36 -10.97 -16.91
CA THR B 265 -14.53 -11.61 -17.58
C THR B 265 -15.77 -10.71 -17.51
N GLN B 266 -15.81 -9.77 -16.58
CA GLN B 266 -17.05 -8.98 -16.28
C GLN B 266 -17.20 -7.77 -17.19
N PHE B 267 -16.23 -7.50 -18.09
CA PHE B 267 -16.29 -6.34 -19.01
C PHE B 267 -16.28 -6.78 -20.46
N GLU B 268 -17.19 -6.22 -21.26
CA GLU B 268 -17.20 -6.33 -22.73
C GLU B 268 -16.59 -5.06 -23.29
N SER B 269 -16.45 -4.98 -24.62
CA SER B 269 -15.55 -3.99 -25.28
C SER B 269 -16.06 -2.55 -25.17
N HIS B 270 -17.34 -2.35 -24.82
CA HIS B 270 -17.99 -1.04 -24.60
C HIS B 270 -17.93 -0.62 -23.13
N GLN B 271 -17.30 -1.40 -22.25
CA GLN B 271 -17.39 -1.17 -20.79
C GLN B 271 -16.03 -0.74 -20.25
N LEU B 272 -16.03 0.37 -19.52
CA LEU B 272 -14.83 0.82 -18.79
C LEU B 272 -14.34 -0.32 -17.89
N GLY B 273 -13.09 -0.73 -18.12
CA GLY B 273 -12.45 -1.85 -17.42
C GLY B 273 -11.91 -2.87 -18.40
N TYR B 274 -12.47 -2.88 -19.60
CA TYR B 274 -12.14 -3.83 -20.69
C TYR B 274 -10.69 -3.65 -21.12
N THR B 275 -10.17 -2.42 -20.99
CA THR B 275 -8.77 -2.10 -21.32
C THR B 275 -7.97 -1.61 -20.13
N ILE B 276 -6.66 -1.72 -20.23
CA ILE B 276 -5.67 -1.03 -19.34
C ILE B 276 -5.19 0.18 -20.13
N PRO B 277 -5.26 1.42 -19.59
CA PRO B 277 -5.04 2.63 -20.40
C PRO B 277 -3.56 3.01 -20.58
N LEU B 278 -2.78 2.06 -21.07
CA LEU B 278 -1.30 2.18 -21.25
C LEU B 278 -1.00 3.29 -22.26
N TYR B 279 -1.80 3.40 -23.29
CA TYR B 279 -1.55 4.39 -24.37
C TYR B 279 -2.47 5.61 -24.25
N THR B 280 -3.29 5.70 -23.21
CA THR B 280 -4.37 6.73 -23.15
C THR B 280 -4.36 7.54 -21.84
N LYS B 281 -3.52 7.18 -20.87
CA LYS B 281 -3.50 7.81 -19.51
C LYS B 281 -2.07 7.80 -18.94
N ASP B 282 -1.70 8.90 -18.28
CA ASP B 282 -0.45 9.02 -17.49
C ASP B 282 0.76 8.99 -18.43
N LEU B 283 0.65 9.42 -19.69
CA LEU B 283 1.84 9.52 -20.57
C LEU B 283 2.80 10.60 -20.04
N ILE B 284 4.08 10.32 -20.11
CA ILE B 284 5.13 11.18 -19.48
C ILE B 284 5.05 12.58 -20.08
N GLU B 285 4.68 12.68 -21.35
CA GLU B 285 4.60 14.00 -22.05
C GLU B 285 3.56 14.94 -21.38
N LEU B 286 2.52 14.40 -20.75
CA LEU B 286 1.51 15.29 -20.11
C LEU B 286 2.20 16.19 -19.09
N TYR B 287 3.20 15.69 -18.36
CA TYR B 287 3.85 16.44 -17.28
C TYR B 287 4.60 17.64 -17.86
N ASP B 288 5.15 17.52 -19.06
CA ASP B 288 5.84 18.67 -19.69
C ASP B 288 4.86 19.83 -19.91
N VAL B 289 3.59 19.53 -20.22
CA VAL B 289 2.52 20.56 -20.39
C VAL B 289 2.35 21.25 -19.04
N VAL B 290 2.25 20.45 -17.97
CA VAL B 290 2.06 20.99 -16.60
C VAL B 290 3.25 21.87 -16.21
N TYR B 291 4.47 21.46 -16.51
CA TYR B 291 5.67 22.23 -16.11
C TYR B 291 5.66 23.56 -16.90
N GLU B 292 5.21 23.54 -18.16
CA GLU B 292 5.01 24.76 -19.00
C GLU B 292 3.94 25.67 -18.37
N TRP B 293 2.84 25.11 -17.83
CA TRP B 293 1.85 25.92 -17.06
C TRP B 293 2.54 26.61 -15.88
N ARG B 294 3.35 25.89 -15.13
CA ARG B 294 3.99 26.47 -13.95
C ARG B 294 4.95 27.57 -14.36
N GLU B 295 5.68 27.37 -15.45
CA GLU B 295 6.64 28.38 -15.99
C GLU B 295 5.86 29.66 -16.31
N PHE B 296 4.73 29.54 -17.00
CA PHE B 296 3.82 30.65 -17.40
C PHE B 296 3.29 31.37 -16.15
N LEU B 297 2.91 30.62 -15.10
CA LEU B 297 2.37 31.17 -13.85
C LEU B 297 3.48 31.90 -13.06
N ASP B 298 4.66 31.30 -12.96
CA ASP B 298 5.81 31.93 -12.29
C ASP B 298 6.09 33.27 -12.97
N GLU B 299 6.17 33.31 -14.30
CA GLU B 299 6.41 34.57 -15.05
C GLU B 299 5.26 35.57 -14.75
N TYR B 300 3.98 35.17 -14.90
CA TYR B 300 2.82 36.00 -14.51
C TYR B 300 2.98 36.54 -13.08
N ASN B 301 3.30 35.71 -12.09
CA ASN B 301 3.47 36.18 -10.69
C ASN B 301 4.61 37.21 -10.60
N LYS B 302 5.71 36.99 -11.32
CA LYS B 302 6.88 37.90 -11.30
C LYS B 302 6.44 39.28 -11.84
N ASN B 303 5.59 39.30 -12.86
CA ASN B 303 5.20 40.51 -13.65
C ASN B 303 3.92 41.18 -13.11
N HIS B 304 3.31 40.69 -12.02
CA HIS B 304 2.07 41.29 -11.45
C HIS B 304 2.22 41.49 -9.93
N GLY B 305 3.07 40.70 -9.29
CA GLY B 305 3.25 40.79 -7.82
C GLY B 305 1.92 40.62 -7.12
N GLY B 306 1.70 41.30 -6.00
CA GLY B 306 0.63 40.94 -5.06
C GLY B 306 0.76 39.46 -4.72
N ASP B 307 -0.30 38.82 -4.23
CA ASP B 307 -0.15 37.46 -3.65
C ASP B 307 0.00 36.44 -4.78
N THR B 308 0.78 35.40 -4.50
CA THR B 308 1.10 34.31 -5.45
C THR B 308 -0.22 33.74 -6.00
N ARG B 309 -0.28 33.61 -7.33
CA ARG B 309 -1.33 32.85 -8.02
C ARG B 309 -0.87 31.40 -8.18
N VAL B 310 -1.78 30.44 -8.06
CA VAL B 310 -1.34 29.02 -7.97
C VAL B 310 -2.17 28.15 -8.88
N VAL B 311 -1.63 26.94 -9.13
CA VAL B 311 -2.34 25.83 -9.83
CA VAL B 311 -2.37 25.84 -9.81
C VAL B 311 -2.28 24.59 -8.94
N PHE B 312 -3.45 24.01 -8.68
CA PHE B 312 -3.59 22.71 -8.01
C PHE B 312 -4.15 21.73 -9.06
N SER B 313 -3.55 20.54 -9.20
CA SER B 313 -3.85 19.59 -10.29
C SER B 313 -4.77 18.50 -9.78
N GLN B 314 -5.72 18.11 -10.63
CA GLN B 314 -6.58 16.94 -10.36
C GLN B 314 -6.13 15.79 -11.27
N GLY B 315 -5.81 14.66 -10.65
CA GLY B 315 -5.49 13.41 -11.36
C GLY B 315 -5.55 12.24 -10.41
N TYR B 316 -6.36 11.26 -10.75
CA TYR B 316 -6.34 9.94 -10.08
C TYR B 316 -5.32 9.05 -10.80
N ALA B 317 -4.26 8.66 -10.10
CA ALA B 317 -3.10 7.88 -10.63
C ALA B 317 -2.38 7.20 -9.47
N ASN B 318 -1.46 6.29 -9.78
CA ASN B 318 -0.61 5.64 -8.76
C ASN B 318 0.28 6.72 -8.14
N VAL B 319 0.91 6.41 -7.02
CA VAL B 319 1.58 7.46 -6.22
C VAL B 319 2.74 8.04 -7.07
N SER B 320 3.46 7.23 -7.84
CA SER B 320 4.62 7.71 -8.60
C SER B 320 4.18 8.70 -9.69
N MET B 321 3.12 8.38 -10.41
CA MET B 321 2.54 9.28 -11.45
C MET B 321 1.93 10.52 -10.78
N THR B 322 1.37 10.39 -9.58
CA THR B 322 0.78 11.54 -8.89
C THR B 322 1.91 12.51 -8.52
N MET B 323 3.05 12.04 -8.01
CA MET B 323 4.10 12.95 -7.47
C MET B 323 4.80 13.69 -8.64
N LEU B 324 4.77 13.16 -9.84
CA LEU B 324 5.34 13.85 -11.05
C LEU B 324 4.59 15.17 -11.32
N TYR B 325 3.40 15.36 -10.76
CA TYR B 325 2.66 16.64 -10.91
C TYR B 325 3.40 17.76 -10.16
N TYR B 326 4.10 17.44 -9.07
CA TYR B 326 4.85 18.47 -8.29
C TYR B 326 6.08 18.94 -9.08
N GLY B 327 6.64 18.08 -9.92
CA GLY B 327 7.95 18.28 -10.58
C GLY B 327 8.67 16.96 -10.75
N ASN B 328 9.94 16.98 -11.15
CA ASN B 328 10.69 15.73 -11.31
C ASN B 328 12.10 15.95 -10.72
N GLU B 329 12.94 14.92 -10.76
CA GLU B 329 14.20 15.00 -10.00
C GLU B 329 15.30 15.51 -10.95
N ASP B 330 14.93 15.89 -12.19
CA ASP B 330 15.78 16.69 -13.11
C ASP B 330 15.52 18.19 -12.91
N GLY B 331 14.74 18.61 -11.92
CA GLY B 331 14.56 20.04 -11.62
C GLY B 331 13.26 20.65 -12.16
N ALA B 332 12.43 19.91 -12.89
CA ALA B 332 11.15 20.43 -13.41
C ALA B 332 10.27 20.76 -12.20
N ILE B 333 9.48 21.84 -12.28
CA ILE B 333 8.52 22.27 -11.23
C ILE B 333 7.15 22.27 -11.89
N GLY B 334 6.15 21.62 -11.31
CA GLY B 334 4.78 21.64 -11.86
C GLY B 334 3.78 22.35 -10.97
N ALA B 335 2.68 21.65 -10.67
CA ALA B 335 1.58 22.21 -9.87
C ALA B 335 2.10 22.51 -8.46
N HIS B 336 1.53 23.54 -7.85
CA HIS B 336 1.77 23.90 -6.43
C HIS B 336 1.49 22.64 -5.58
N PHE B 337 0.44 21.89 -5.92
CA PHE B 337 0.33 20.49 -5.54
C PHE B 337 -0.67 19.79 -6.46
N PRO B 338 -0.47 18.48 -6.64
CA PRO B 338 -1.56 17.59 -7.04
C PRO B 338 -2.44 17.28 -5.83
N PHE B 339 -3.74 17.23 -6.06
CA PHE B 339 -4.68 16.75 -5.01
C PHE B 339 -4.28 15.34 -4.56
N ASN B 340 -4.40 15.16 -3.23
CA ASN B 340 -4.21 13.89 -2.50
C ASN B 340 -5.59 13.28 -2.29
N PHE B 341 -5.93 12.25 -3.07
CA PHE B 341 -7.25 11.59 -2.96
C PHE B 341 -7.24 10.34 -2.05
N ASP B 342 -6.19 10.15 -1.24
CA ASP B 342 -5.99 8.87 -0.49
C ASP B 342 -7.16 8.59 0.45
N PHE B 343 -7.76 9.60 1.08
CA PHE B 343 -8.88 9.42 2.05
C PHE B 343 -10.16 9.07 1.31
N ILE B 344 -10.16 9.20 -0.03
CA ILE B 344 -11.26 8.68 -0.90
C ILE B 344 -10.94 7.28 -1.45
N THR B 345 -9.75 7.06 -2.00
CA THR B 345 -9.42 5.84 -2.76
C THR B 345 -8.95 4.72 -1.83
N ASP B 346 -8.28 5.04 -0.72
CA ASP B 346 -7.53 4.02 0.04
C ASP B 346 -7.99 3.83 1.49
N LEU B 347 -8.91 4.63 1.98
CA LEU B 347 -9.47 4.47 3.36
C LEU B 347 -10.99 4.51 3.23
N SER B 348 -11.65 3.86 4.16
CA SER B 348 -13.11 3.86 4.23
C SER B 348 -13.50 3.37 5.62
N SER B 349 -14.77 3.06 5.77
CA SER B 349 -15.26 2.40 7.01
C SER B 349 -14.68 0.99 7.17
N LYS B 350 -13.99 0.43 6.18
CA LYS B 350 -13.32 -0.90 6.36
C LYS B 350 -11.95 -0.71 7.01
N SER B 351 -11.48 0.52 7.16
CA SER B 351 -10.09 0.84 7.59
C SER B 351 -9.99 0.84 9.11
N ASN B 352 -8.86 0.38 9.64
CA ASN B 352 -8.55 0.46 11.09
C ASN B 352 -7.53 1.58 11.28
N ALA B 353 -7.12 1.80 12.51
CA ALA B 353 -6.20 2.90 12.88
C ALA B 353 -4.85 2.70 12.17
N ARG B 354 -4.43 1.45 11.95
CA ARG B 354 -3.10 1.20 11.30
C ARG B 354 -3.18 1.58 9.81
N ASP B 355 -4.29 1.25 9.17
CA ASP B 355 -4.57 1.70 7.79
C ASP B 355 -4.50 3.22 7.71
N PHE B 356 -5.18 3.93 8.63
CA PHE B 356 -5.22 5.42 8.62
C PHE B 356 -3.79 5.94 8.63
N VAL B 357 -2.98 5.48 9.57
CA VAL B 357 -1.57 5.96 9.75
C VAL B 357 -0.80 5.64 8.47
N TYR B 358 -0.91 4.41 7.99
CA TYR B 358 -0.09 3.90 6.86
C TYR B 358 -0.42 4.71 5.59
N ILE B 359 -1.69 5.04 5.39
CA ILE B 359 -2.14 5.83 4.21
C ILE B 359 -1.69 7.28 4.39
N ILE B 360 -1.80 7.82 5.59
CA ILE B 360 -1.28 9.19 5.85
C ILE B 360 0.21 9.23 5.53
N LEU B 361 0.98 8.20 5.93
CA LEU B 361 2.44 8.14 5.68
C LEU B 361 2.78 8.07 4.18
N ARG B 362 1.87 7.64 3.33
CA ARG B 362 2.19 7.48 1.90
C ARG B 362 2.47 8.84 1.27
N TRP B 363 1.61 9.83 1.46
CA TRP B 363 1.85 11.15 0.84
C TRP B 363 3.17 11.70 1.41
N LEU B 364 3.35 11.58 2.73
CA LEU B 364 4.52 12.17 3.42
C LEU B 364 5.80 11.46 2.98
N THR B 365 5.75 10.19 2.60
CA THR B 365 6.96 9.40 2.26
C THR B 365 7.34 9.71 0.81
N TYR B 366 6.33 9.83 -0.07
CA TYR B 366 6.53 9.91 -1.55
C TYR B 366 6.65 11.36 -2.02
N MET B 367 6.12 12.29 -1.25
CA MET B 367 6.11 13.72 -1.64
CA MET B 367 6.11 13.72 -1.66
C MET B 367 7.55 14.17 -1.80
N PRO B 368 7.89 14.88 -2.89
CA PRO B 368 9.26 15.34 -3.07
C PRO B 368 9.64 16.42 -2.05
N TYR B 369 10.93 16.54 -1.79
CA TYR B 369 11.51 17.54 -0.88
C TYR B 369 10.99 18.90 -1.37
N GLY B 370 10.44 19.71 -0.47
CA GLY B 370 9.93 21.07 -0.79
C GLY B 370 8.44 21.10 -1.06
N GLY B 371 7.82 19.92 -1.28
CA GLY B 371 6.40 19.80 -1.65
C GLY B 371 5.50 20.11 -0.47
N ILE B 372 4.34 20.67 -0.76
CA ILE B 372 3.33 21.05 0.24
C ILE B 372 2.30 19.92 0.26
N PRO B 373 2.05 19.29 1.43
CA PRO B 373 1.06 18.25 1.54
C PRO B 373 -0.33 18.88 1.45
N ASN B 374 -1.29 18.10 1.00
CA ASN B 374 -2.72 18.45 1.05
C ASN B 374 -3.53 17.20 1.33
N TRP B 375 -4.75 17.40 1.80
CA TRP B 375 -5.64 16.31 2.23
C TRP B 375 -7.06 16.57 1.69
N VAL B 376 -7.64 15.57 1.00
CA VAL B 376 -8.98 15.72 0.39
C VAL B 376 -9.87 14.60 0.89
N PHE B 377 -11.02 14.95 1.43
CA PHE B 377 -11.95 13.96 2.03
C PHE B 377 -13.19 13.73 1.16
N GLY B 378 -13.36 14.51 0.08
CA GLY B 378 -14.56 14.42 -0.72
C GLY B 378 -14.49 15.38 -1.90
N ASN B 379 -15.44 15.27 -2.79
CA ASN B 379 -15.56 16.15 -3.97
C ASN B 379 -16.87 15.79 -4.67
N HIS B 380 -17.12 16.41 -5.82
CA HIS B 380 -18.39 16.24 -6.58
C HIS B 380 -18.40 14.93 -7.36
N ASP B 381 -17.33 14.11 -7.30
CA ASP B 381 -17.21 12.86 -8.11
C ASP B 381 -17.32 11.61 -7.24
N ASN B 382 -17.42 11.77 -5.94
CA ASN B 382 -17.26 10.66 -4.99
C ASN B 382 -18.30 10.80 -3.88
N ASN B 383 -18.60 9.68 -3.24
CA ASN B 383 -19.54 9.63 -2.10
C ASN B 383 -19.08 10.57 -1.00
N ARG B 384 -20.02 11.15 -0.26
CA ARG B 384 -19.68 12.05 0.85
C ARG B 384 -18.98 11.27 1.97
N MET B 385 -18.10 12.00 2.65
CA MET B 385 -17.20 11.55 3.70
C MET B 385 -17.94 10.70 4.71
N PRO B 386 -19.11 11.08 5.26
CA PRO B 386 -19.71 10.31 6.34
C PRO B 386 -20.36 9.05 5.77
N THR B 387 -20.61 9.05 4.45
CA THR B 387 -21.18 7.84 3.78
C THR B 387 -20.06 6.82 3.52
N ARG B 388 -18.89 7.29 3.10
CA ARG B 388 -17.71 6.43 2.84
C ARG B 388 -17.22 5.83 4.16
N PHE B 389 -17.19 6.64 5.23
CA PHE B 389 -16.79 6.23 6.59
C PHE B 389 -18.09 5.93 7.34
N ARG B 390 -18.31 6.54 8.50
CA ARG B 390 -19.55 6.39 9.30
C ARG B 390 -19.98 7.77 9.82
N HIS B 391 -21.25 7.88 10.20
CA HIS B 391 -21.82 9.16 10.69
C HIS B 391 -21.12 9.54 11.99
N ASP B 392 -20.65 8.57 12.79
CA ASP B 392 -20.02 8.85 14.11
C ASP B 392 -18.57 9.32 13.95
N MET B 393 -18.04 9.43 12.73
CA MET B 393 -16.60 9.65 12.44
C MET B 393 -16.37 11.07 11.88
N VAL B 394 -17.42 11.85 11.70
CA VAL B 394 -17.36 13.17 11.00
C VAL B 394 -16.32 14.07 11.65
N ASP B 395 -16.36 14.23 12.98
CA ASP B 395 -15.49 15.19 13.68
C ASP B 395 -14.03 14.75 13.55
N GLY B 396 -13.75 13.48 13.83
CA GLY B 396 -12.40 12.89 13.75
C GLY B 396 -11.82 13.12 12.38
N LEU B 397 -12.64 12.99 11.34
CA LEU B 397 -12.14 13.17 9.93
C LEU B 397 -11.83 14.64 9.69
N ASN B 398 -12.71 15.54 10.12
CA ASN B 398 -12.40 16.99 9.95
C ASN B 398 -11.18 17.33 10.81
N ILE B 399 -11.01 16.73 11.99
CA ILE B 399 -9.79 17.02 12.80
C ILE B 399 -8.54 16.58 12.02
N ILE B 400 -8.53 15.37 11.44
CA ILE B 400 -7.35 14.88 10.68
C ILE B 400 -7.04 15.94 9.61
N ASN B 401 -8.05 16.31 8.85
CA ASN B 401 -7.88 17.30 7.75
C ASN B 401 -7.17 18.55 8.31
N MET B 402 -7.66 19.08 9.41
CA MET B 402 -7.22 20.42 9.89
C MET B 402 -5.88 20.29 10.64
N LEU B 403 -5.53 19.14 11.21
CA LEU B 403 -4.31 19.06 12.08
C LEU B 403 -3.12 18.49 11.31
N LEU B 404 -3.36 17.78 10.22
CA LEU B 404 -2.20 17.30 9.44
C LEU B 404 -1.47 18.52 8.91
N PRO B 405 -0.16 18.41 8.64
CA PRO B 405 0.59 19.53 8.09
C PRO B 405 0.11 19.85 6.67
N GLY B 406 0.15 21.13 6.29
CA GLY B 406 -0.14 21.58 4.91
C GLY B 406 -1.56 22.11 4.77
N VAL B 407 -2.21 21.75 3.66
CA VAL B 407 -3.50 22.34 3.20
C VAL B 407 -4.64 21.37 3.46
N ALA B 408 -5.67 21.86 4.14
CA ALA B 408 -6.93 21.12 4.33
C ALA B 408 -7.84 21.50 3.18
N VAL B 409 -8.40 20.50 2.54
CA VAL B 409 -9.40 20.69 1.45
C VAL B 409 -10.74 20.18 1.97
N THR B 410 -11.76 21.07 1.95
CA THR B 410 -13.14 20.76 2.38
C THR B 410 -14.07 20.76 1.19
N TYR B 411 -14.86 19.70 1.01
CA TYR B 411 -15.94 19.69 0.00
C TYR B 411 -17.24 20.17 0.65
N GLN B 412 -17.87 21.14 -0.01
CA GLN B 412 -19.23 21.65 0.30
C GLN B 412 -20.07 20.62 1.07
N GLY B 413 -20.41 20.93 2.32
CA GLY B 413 -21.24 20.06 3.18
C GLY B 413 -20.46 19.30 4.25
N GLU B 414 -19.16 19.07 4.06
CA GLU B 414 -18.39 18.34 5.10
C GLU B 414 -18.36 19.12 6.42
N GLU B 415 -18.46 20.46 6.36
CA GLU B 415 -18.36 21.33 7.57
C GLU B 415 -19.60 21.13 8.48
N ILE B 416 -20.68 20.50 7.97
CA ILE B 416 -21.92 20.15 8.72
C ILE B 416 -22.17 18.63 8.67
N GLY B 417 -21.28 17.84 8.07
CA GLY B 417 -21.42 16.38 8.03
C GLY B 417 -22.54 15.91 7.14
N MET B 418 -22.79 16.57 6.01
CA MET B 418 -23.79 16.11 5.02
C MET B 418 -23.47 14.68 4.57
N ARG B 419 -24.52 13.86 4.44
CA ARG B 419 -24.48 12.46 3.95
C ARG B 419 -24.96 12.45 2.51
N ASP B 420 -24.66 11.40 1.74
CA ASP B 420 -25.18 11.22 0.37
C ASP B 420 -26.70 11.37 0.45
N GLY B 421 -27.27 12.00 -0.57
CA GLY B 421 -28.73 12.08 -0.75
C GLY B 421 -29.21 10.91 -1.56
N TYR B 422 -30.38 10.34 -1.24
CA TYR B 422 -31.01 9.33 -2.10
C TYR B 422 -31.42 10.02 -3.40
N VAL B 423 -31.04 9.44 -4.52
CA VAL B 423 -31.43 9.93 -5.87
C VAL B 423 -31.92 8.72 -6.64
N SER B 424 -33.21 8.72 -7.00
CA SER B 424 -33.87 7.66 -7.81
C SER B 424 -33.27 7.67 -9.21
N TRP B 425 -33.44 6.56 -9.94
CA TRP B 425 -33.07 6.49 -11.39
C TRP B 425 -33.75 7.62 -12.16
N GLU B 426 -35.05 7.84 -11.88
CA GLU B 426 -35.88 8.89 -12.55
C GLU B 426 -35.27 10.28 -12.31
N ASP B 427 -34.69 10.55 -11.15
CA ASP B 427 -34.11 11.89 -10.83
C ASP B 427 -32.62 11.97 -11.19
N THR B 428 -32.02 10.88 -11.68
CA THR B 428 -30.57 10.78 -11.99
C THR B 428 -30.30 11.59 -13.26
N VAL B 429 -29.37 12.54 -13.21
CA VAL B 429 -29.03 13.39 -14.38
C VAL B 429 -27.52 13.27 -14.71
N ASP B 430 -26.71 12.63 -13.85
CA ASP B 430 -25.25 12.42 -14.13
C ASP B 430 -25.08 11.61 -15.44
N ILE B 431 -24.50 12.23 -16.48
CA ILE B 431 -24.24 11.55 -17.78
C ILE B 431 -23.47 10.23 -17.58
N GLU B 432 -22.57 10.13 -16.60
CA GLU B 432 -21.81 8.87 -16.40
C GLU B 432 -22.79 7.75 -16.04
N ALA B 433 -23.80 8.01 -15.20
CA ALA B 433 -24.78 6.98 -14.78
C ALA B 433 -25.74 6.71 -15.94
N CYS B 434 -26.16 7.75 -16.66
CA CYS B 434 -27.08 7.65 -17.82
C CYS B 434 -26.40 6.81 -18.92
N ASN B 435 -25.10 6.96 -19.11
CA ASN B 435 -24.36 6.21 -20.15
C ASN B 435 -23.98 4.80 -19.69
N ARG B 436 -23.50 4.63 -18.46
CA ARG B 436 -22.88 3.34 -18.04
C ARG B 436 -23.94 2.47 -17.38
N GLY B 437 -25.04 3.06 -16.92
CA GLY B 437 -25.92 2.44 -15.92
C GLY B 437 -27.30 2.20 -16.47
N ASP B 438 -28.14 1.59 -15.66
CA ASP B 438 -29.58 1.36 -15.96
C ASP B 438 -30.30 1.41 -14.62
N PRO B 439 -31.63 1.19 -14.57
CA PRO B 439 -32.39 1.18 -13.31
C PRO B 439 -31.77 0.31 -12.20
N ASP B 440 -31.14 -0.81 -12.56
CA ASP B 440 -30.55 -1.74 -11.56
C ASP B 440 -29.12 -1.34 -11.19
N THR B 441 -28.35 -0.75 -12.10
CA THR B 441 -26.88 -0.55 -11.91
C THR B 441 -26.48 0.91 -11.68
N TYR B 442 -27.35 1.90 -11.92
CA TYR B 442 -27.02 3.34 -12.04
C TYR B 442 -26.27 3.80 -10.78
N HIS B 443 -26.62 3.25 -9.62
CA HIS B 443 -26.09 3.69 -8.30
C HIS B 443 -24.60 3.37 -8.17
N LEU B 444 -24.08 2.44 -8.98
CA LEU B 444 -22.64 2.08 -8.97
C LEU B 444 -21.82 3.23 -9.56
N TYR B 445 -22.42 4.06 -10.42
CA TYR B 445 -21.69 5.05 -11.25
C TYR B 445 -22.06 6.49 -10.89
N SER B 446 -23.28 6.73 -10.40
CA SER B 446 -23.87 8.09 -10.30
C SER B 446 -23.11 8.90 -9.25
N ARG B 447 -22.81 10.13 -9.61
CA ARG B 447 -22.17 11.11 -8.70
C ARG B 447 -23.25 11.98 -8.04
N ASP B 448 -24.53 11.84 -8.42
CA ASP B 448 -25.62 12.76 -7.98
C ASP B 448 -25.79 12.74 -6.47
N PRO B 449 -25.65 11.60 -5.75
CA PRO B 449 -25.87 11.59 -4.31
C PRO B 449 -24.96 12.56 -3.53
N ALA B 450 -23.81 12.89 -4.10
CA ALA B 450 -22.83 13.79 -3.48
C ALA B 450 -23.05 15.23 -3.95
N ARG B 451 -24.00 15.47 -4.84
CA ARG B 451 -24.26 16.79 -5.45
C ARG B 451 -25.61 17.35 -4.97
N THR B 452 -26.30 16.69 -4.05
CA THR B 452 -27.65 17.15 -3.61
C THR B 452 -27.45 18.50 -2.93
N PRO B 453 -28.45 19.39 -3.01
CA PRO B 453 -28.30 20.77 -2.54
C PRO B 453 -27.89 20.91 -1.08
N TYR B 454 -27.10 21.94 -0.80
CA TYR B 454 -26.52 22.23 0.52
C TYR B 454 -27.63 22.48 1.54
N HIS B 455 -27.45 22.00 2.77
CA HIS B 455 -28.45 22.16 3.86
C HIS B 455 -28.17 23.41 4.71
N TRP B 456 -28.71 24.59 4.31
CA TRP B 456 -28.61 25.88 5.05
C TRP B 456 -29.41 25.82 6.36
N ASP B 457 -30.62 25.28 6.31
CA ASP B 457 -31.56 25.37 7.45
C ASP B 457 -32.69 24.36 7.25
N ASN B 458 -33.73 24.39 8.10
CA ASN B 458 -34.86 23.44 7.99
C ASN B 458 -36.01 24.05 7.18
N SER B 459 -35.81 25.13 6.42
CA SER B 459 -36.91 25.73 5.61
C SER B 459 -37.12 24.82 4.39
N THR B 460 -38.06 25.22 3.53
CA THR B 460 -38.34 24.60 2.21
C THR B 460 -37.00 24.36 1.49
N SER B 461 -36.76 23.12 1.00
CA SER B 461 -35.55 22.73 0.24
C SER B 461 -34.26 23.09 1.01
N ALA B 462 -34.31 22.96 2.33
CA ALA B 462 -33.20 23.21 3.28
C ALA B 462 -32.63 24.61 3.11
N GLY B 463 -33.42 25.58 2.68
CA GLY B 463 -32.94 26.96 2.51
C GLY B 463 -32.03 27.08 1.32
N PHE B 464 -31.84 26.00 0.56
CA PHE B 464 -31.05 26.08 -0.70
C PHE B 464 -31.77 26.93 -1.74
N SER B 465 -33.10 26.75 -1.80
CA SER B 465 -34.00 27.43 -2.75
C SER B 465 -35.30 27.73 -2.00
N THR B 466 -36.03 28.74 -2.45
CA THR B 466 -37.40 29.04 -1.93
C THR B 466 -38.43 28.07 -2.56
N SER B 467 -38.05 27.37 -3.62
CA SER B 467 -38.92 26.43 -4.38
C SER B 467 -38.76 24.99 -3.88
N THR B 468 -39.81 24.18 -3.97
CA THR B 468 -39.74 22.72 -3.63
C THR B 468 -39.18 21.92 -4.83
N ASN B 469 -39.06 22.54 -5.99
CA ASN B 469 -38.39 22.03 -7.22
C ASN B 469 -36.90 22.39 -7.23
N THR B 470 -36.01 21.41 -7.04
CA THR B 470 -34.53 21.60 -7.03
C THR B 470 -33.92 20.71 -8.11
N TRP B 471 -32.78 21.07 -8.68
CA TRP B 471 -32.28 20.35 -9.89
C TRP B 471 -31.92 18.89 -9.52
N LEU B 472 -31.48 18.64 -8.29
CA LEU B 472 -31.45 17.29 -7.70
C LEU B 472 -32.26 17.36 -6.44
N PRO B 473 -32.88 16.25 -6.02
CA PRO B 473 -33.58 16.21 -4.74
C PRO B 473 -32.70 16.54 -3.52
N VAL B 474 -33.25 17.34 -2.61
CA VAL B 474 -32.70 17.60 -1.25
C VAL B 474 -32.77 16.31 -0.45
N ALA B 475 -31.65 15.94 0.19
CA ALA B 475 -31.52 14.74 1.03
C ALA B 475 -32.64 14.76 2.09
N GLU B 476 -33.19 13.61 2.44
CA GLU B 476 -34.30 13.42 3.42
C GLU B 476 -33.90 13.83 4.84
N ASP B 477 -32.62 13.89 5.20
CA ASP B 477 -32.18 14.16 6.59
C ASP B 477 -31.89 15.65 6.81
N TYR B 478 -32.34 16.55 5.93
CA TYR B 478 -31.99 17.99 6.05
C TYR B 478 -32.56 18.60 7.33
N GLN B 479 -33.67 18.07 7.84
CA GLN B 479 -34.25 18.57 9.13
C GLN B 479 -33.27 18.32 10.27
N GLU B 480 -32.52 17.21 10.20
CA GLU B 480 -31.56 16.77 11.25
C GLU B 480 -30.17 17.39 11.01
N ILE B 481 -29.78 17.57 9.75
CA ILE B 481 -28.40 17.99 9.37
C ILE B 481 -28.53 19.26 8.52
N ASN B 482 -28.33 20.42 9.14
CA ASN B 482 -28.41 21.73 8.47
C ASN B 482 -27.56 22.71 9.28
N LEU B 483 -27.06 23.73 8.60
CA LEU B 483 -26.10 24.69 9.19
C LEU B 483 -26.76 25.47 10.32
N ALA B 484 -27.95 26.03 10.09
CA ALA B 484 -28.62 26.91 11.10
C ALA B 484 -28.73 26.12 12.40
N LYS B 485 -29.14 24.84 12.34
CA LYS B 485 -29.34 23.99 13.54
C LYS B 485 -28.01 23.84 14.30
N GLN B 486 -26.92 23.67 13.55
CA GLN B 486 -25.56 23.43 14.10
C GLN B 486 -24.99 24.72 14.69
N LYS B 487 -25.49 25.88 14.27
CA LYS B 487 -25.13 27.18 14.89
C LYS B 487 -25.89 27.37 16.22
N GLU B 488 -27.13 26.88 16.33
CA GLU B 488 -28.01 27.11 17.51
C GLU B 488 -27.68 26.11 18.61
N THR B 489 -27.28 24.89 18.27
CA THR B 489 -27.08 23.81 19.27
C THR B 489 -25.70 23.99 19.94
N ALA B 490 -25.56 23.51 21.18
CA ALA B 490 -24.35 23.70 22.04
C ALA B 490 -23.11 23.11 21.33
N ARG B 491 -23.28 21.92 20.74
CA ARG B 491 -22.19 21.08 20.18
C ARG B 491 -22.60 20.67 18.78
N SER B 492 -21.72 20.84 17.82
CA SER B 492 -22.09 20.51 16.42
C SER B 492 -20.85 20.33 15.56
N HIS B 493 -21.05 19.65 14.45
CA HIS B 493 -19.98 19.45 13.44
C HIS B 493 -19.45 20.82 13.09
N PHE B 494 -20.34 21.78 12.84
CA PHE B 494 -19.95 23.12 12.33
C PHE B 494 -19.13 23.84 13.40
N LYS B 495 -19.58 23.82 14.66
CA LYS B 495 -18.85 24.48 15.75
C LYS B 495 -17.46 23.83 15.90
N ASN B 496 -17.34 22.51 15.72
CA ASN B 496 -16.02 21.82 15.77
C ASN B 496 -15.15 22.29 14.59
N TYR B 497 -15.76 22.40 13.43
CA TYR B 497 -15.03 22.88 12.22
C TYR B 497 -14.42 24.27 12.45
N GLN B 498 -15.23 25.24 12.90
CA GLN B 498 -14.79 26.62 13.28
C GLN B 498 -13.64 26.53 14.28
N ALA B 499 -13.75 25.69 15.32
CA ALA B 499 -12.71 25.58 16.36
C ALA B 499 -11.39 25.12 15.72
N LEU B 500 -11.46 24.20 14.77
CA LEU B 500 -10.26 23.61 14.12
C LEU B 500 -9.63 24.61 13.15
N THR B 501 -10.42 25.29 12.33
CA THR B 501 -9.89 26.29 11.35
C THR B 501 -9.27 27.45 12.11
N LYS B 502 -9.85 27.80 13.26
CA LYS B 502 -9.28 28.80 14.20
C LYS B 502 -7.93 28.30 14.74
N LEU B 503 -7.84 27.03 15.12
CA LEU B 503 -6.59 26.45 15.68
C LEU B 503 -5.45 26.50 14.64
N ARG B 504 -5.77 26.40 13.36
CA ARG B 504 -4.77 26.46 12.26
C ARG B 504 -3.99 27.78 12.27
N LYS B 505 -4.51 28.84 12.88
CA LYS B 505 -3.75 30.12 12.98
C LYS B 505 -2.66 30.05 14.05
N GLN B 506 -2.73 29.09 14.98
CA GLN B 506 -1.67 28.88 16.01
C GLN B 506 -0.41 28.37 15.32
N ALA B 507 0.74 28.86 15.77
CA ALA B 507 2.09 28.53 15.26
C ALA B 507 2.32 27.01 15.29
N THR B 508 1.84 26.34 16.34
CA THR B 508 1.99 24.88 16.46
C THR B 508 1.47 24.19 15.18
N LEU B 509 0.33 24.61 14.61
CA LEU B 509 -0.26 23.93 13.42
C LEU B 509 0.38 24.43 12.11
N SER B 510 0.72 25.70 12.00
CA SER B 510 1.34 26.23 10.74
C SER B 510 2.80 25.76 10.63
N HIS B 511 3.54 25.83 11.73
CA HIS B 511 5.03 25.72 11.79
C HIS B 511 5.51 24.44 12.52
N GLY B 512 4.65 23.76 13.29
CA GLY B 512 5.04 22.67 14.19
C GLY B 512 5.40 21.37 13.49
N GLU B 513 6.17 20.53 14.18
CA GLU B 513 6.50 19.16 13.76
C GLU B 513 5.18 18.36 13.79
N TYR B 514 5.17 17.21 13.14
CA TYR B 514 4.04 16.25 13.27
C TYR B 514 4.60 14.89 13.68
N ASP B 515 3.93 14.17 14.59
CA ASP B 515 4.23 12.75 14.90
C ASP B 515 2.91 11.96 14.83
N ILE B 516 2.91 10.86 14.09
CA ILE B 516 1.67 10.07 13.91
C ILE B 516 2.03 8.60 14.06
N ARG B 517 1.26 7.91 14.89
CA ARG B 517 1.40 6.45 15.07
C ARG B 517 0.08 5.85 15.56
N ALA B 518 -0.14 4.56 15.31
CA ALA B 518 -1.29 3.85 15.87
C ALA B 518 -0.93 3.42 17.30
N LEU B 519 -1.81 3.60 18.26
CA LEU B 519 -1.68 3.03 19.64
C LEU B 519 -2.23 1.60 19.68
N SER B 520 -3.12 1.27 18.74
CA SER B 520 -3.80 -0.03 18.66
C SER B 520 -4.38 -0.14 17.26
N ASP B 521 -5.05 -1.24 16.97
CA ASP B 521 -5.81 -1.40 15.70
C ASP B 521 -6.96 -0.38 15.65
N ARG B 522 -7.37 0.16 16.80
CA ARG B 522 -8.56 1.01 16.94
C ARG B 522 -8.21 2.49 16.96
N THR B 523 -7.14 2.92 17.65
CA THR B 523 -6.90 4.34 18.01
C THR B 523 -5.52 4.77 17.51
N PHE B 524 -5.42 5.91 16.79
CA PHE B 524 -4.12 6.56 16.49
C PHE B 524 -4.07 7.96 17.10
N TYR B 525 -2.84 8.47 17.24
CA TYR B 525 -2.57 9.85 17.66
C TYR B 525 -1.92 10.58 16.48
N LEU B 526 -2.16 11.87 16.46
CA LEU B 526 -1.43 12.86 15.62
C LEU B 526 -1.09 14.03 16.54
N VAL B 527 0.20 14.24 16.74
CA VAL B 527 0.75 15.29 17.64
C VAL B 527 1.40 16.38 16.79
N ARG B 528 0.96 17.62 17.01
CA ARG B 528 1.62 18.84 16.47
C ARG B 528 2.34 19.52 17.65
N SER B 529 3.65 19.76 17.50
CA SER B 529 4.50 20.25 18.61
C SER B 529 5.49 21.26 18.07
N LEU B 530 5.94 22.16 18.93
CA LEU B 530 6.84 23.27 18.52
C LEU B 530 7.40 23.87 19.80
N PRO B 531 8.72 23.80 20.03
CA PRO B 531 9.30 24.34 21.27
C PRO B 531 8.73 25.72 21.60
N THR B 532 8.25 25.89 22.84
CA THR B 532 7.78 27.14 23.51
C THR B 532 6.31 27.42 23.22
N HIS B 533 5.69 26.66 22.30
CA HIS B 533 4.24 26.79 21.93
C HIS B 533 3.49 25.54 22.38
N ASP B 534 2.20 25.70 22.62
CA ASP B 534 1.30 24.63 23.11
C ASP B 534 1.39 23.42 22.18
N THR B 535 1.20 22.25 22.76
CA THR B 535 1.16 20.97 22.03
C THR B 535 -0.30 20.64 21.76
N TYR B 536 -0.60 20.12 20.57
CA TYR B 536 -1.99 19.70 20.21
C TYR B 536 -1.93 18.26 19.75
N VAL B 537 -2.84 17.45 20.30
CA VAL B 537 -2.85 15.98 20.11
C VAL B 537 -4.25 15.58 19.66
N LEU B 538 -4.39 15.00 18.46
CA LEU B 538 -5.61 14.25 18.06
C LEU B 538 -5.47 12.83 18.59
N LEU B 539 -6.53 12.32 19.21
CA LEU B 539 -6.74 10.91 19.54
C LEU B 539 -8.04 10.48 18.86
N PHE B 540 -7.99 9.48 18.02
CA PHE B 540 -9.17 9.09 17.20
C PHE B 540 -9.30 7.58 17.23
N ASN B 541 -10.40 7.11 17.80
CA ASN B 541 -10.86 5.71 17.71
C ASN B 541 -11.67 5.57 16.42
N VAL B 542 -11.08 5.00 15.36
CA VAL B 542 -11.73 4.90 14.02
C VAL B 542 -12.57 3.63 13.94
N SER B 543 -12.54 2.80 14.98
CA SER B 543 -13.14 1.43 14.97
C SER B 543 -14.62 1.48 15.38
N GLU B 544 -15.31 0.34 15.30
CA GLU B 544 -16.69 0.18 15.81
C GLU B 544 -16.67 -0.32 17.27
N ARG B 545 -15.52 -0.37 17.92
CA ARG B 545 -15.42 -0.88 19.32
C ARG B 545 -14.77 0.18 20.20
N ARG B 546 -15.00 0.08 21.50
CA ARG B 546 -14.29 0.96 22.47
C ARG B 546 -12.84 0.55 22.54
N ASP B 547 -11.99 1.45 23.02
CA ASP B 547 -10.55 1.21 23.11
C ASP B 547 -10.06 1.95 24.33
N THR B 548 -9.20 1.34 25.12
CA THR B 548 -8.51 2.06 26.21
C THR B 548 -7.02 2.12 25.88
N VAL B 549 -6.40 3.30 25.97
CA VAL B 549 -5.02 3.52 25.53
C VAL B 549 -4.25 4.17 26.65
N ASP B 550 -2.93 3.98 26.60
CA ASP B 550 -1.98 4.61 27.55
C ASP B 550 -1.45 5.89 26.90
N LEU B 551 -1.89 7.04 27.42
CA LEU B 551 -1.46 8.38 26.95
C LEU B 551 0.03 8.59 27.22
N GLY B 552 0.63 7.85 28.16
CA GLY B 552 2.09 7.84 28.38
C GLY B 552 2.86 7.46 27.11
N ARG B 553 2.24 6.77 26.15
CA ARG B 553 2.89 6.41 24.86
C ARG B 553 2.85 7.54 23.82
N VAL B 554 2.17 8.64 24.11
CA VAL B 554 1.98 9.75 23.12
C VAL B 554 3.12 10.74 23.30
N PRO B 555 3.96 10.97 22.27
CA PRO B 555 5.10 11.88 22.43
C PRO B 555 4.61 13.30 22.67
N HIS B 556 5.34 14.03 23.52
CA HIS B 556 5.15 15.48 23.79
C HIS B 556 3.87 15.75 24.56
N LEU B 557 3.10 14.73 24.97
CA LEU B 557 1.89 14.92 25.79
C LEU B 557 2.27 14.83 27.27
N THR B 558 2.18 15.95 27.96
CA THR B 558 2.27 15.97 29.44
C THR B 558 0.88 16.20 30.01
N LEU B 559 0.52 15.47 31.06
CA LEU B 559 -0.77 15.64 31.75
C LEU B 559 -0.53 16.49 33.00
N PRO B 560 -1.54 17.22 33.51
CA PRO B 560 -2.88 17.27 32.90
C PRO B 560 -2.94 18.04 31.57
N ALA B 561 -3.92 17.70 30.74
CA ALA B 561 -4.16 18.34 29.43
C ALA B 561 -5.63 18.71 29.36
N THR B 562 -5.99 19.58 28.41
CA THR B 562 -7.35 20.13 28.31
C THR B 562 -7.97 19.70 26.98
N VAL B 563 -9.21 19.21 26.97
CA VAL B 563 -9.94 18.99 25.69
C VAL B 563 -10.18 20.34 25.00
N TYR B 564 -9.62 20.53 23.80
CA TYR B 564 -9.82 21.74 22.97
C TYR B 564 -11.04 21.53 22.08
N VAL B 565 -11.16 20.36 21.45
CA VAL B 565 -12.34 19.93 20.65
C VAL B 565 -12.65 18.50 21.02
N SER B 566 -13.93 18.16 21.00
CA SER B 566 -14.39 16.76 21.09
C SER B 566 -15.48 16.52 20.09
N SER B 567 -15.53 15.30 19.59
CA SER B 567 -16.62 14.71 18.77
C SER B 567 -17.94 15.06 19.45
N ILE B 568 -19.00 15.25 18.68
CA ILE B 568 -20.27 15.82 19.22
C ILE B 568 -20.89 14.89 20.28
N HIS B 569 -20.51 13.63 20.34
CA HIS B 569 -21.08 12.67 21.35
C HIS B 569 -20.05 12.20 22.36
N SER B 570 -18.90 12.85 22.42
CA SER B 570 -17.85 12.48 23.37
C SER B 570 -18.38 12.70 24.80
N ALA B 571 -17.93 11.89 25.76
CA ALA B 571 -18.16 12.12 27.21
C ALA B 571 -17.51 13.45 27.61
N ARG B 572 -16.53 13.91 26.83
CA ARG B 572 -15.69 15.06 27.22
C ARG B 572 -16.16 16.28 26.44
N LEU B 573 -16.50 17.35 27.15
CA LEU B 573 -16.74 18.70 26.60
C LEU B 573 -15.40 19.45 26.49
N ALA B 574 -15.29 20.35 25.51
CA ALA B 574 -14.22 21.35 25.42
C ALA B 574 -14.05 21.94 26.83
N GLY B 575 -12.82 22.04 27.31
CA GLY B 575 -12.52 22.50 28.69
C GLY B 575 -12.36 21.37 29.70
N HIS B 576 -12.80 20.13 29.41
CA HIS B 576 -12.63 18.92 30.28
C HIS B 576 -11.13 18.69 30.53
N GLU B 577 -10.76 18.42 31.78
CA GLU B 577 -9.34 18.19 32.17
C GLU B 577 -9.08 16.69 32.08
N ILE B 578 -8.13 16.30 31.23
CA ILE B 578 -7.54 14.93 31.20
C ILE B 578 -6.39 14.87 32.23
N THR B 579 -6.56 14.07 33.29
CA THR B 579 -5.54 13.92 34.36
C THR B 579 -4.98 12.49 34.39
N SER B 580 -5.81 11.50 34.08
CA SER B 580 -5.43 10.07 34.02
C SER B 580 -4.67 9.77 32.73
N SER B 581 -3.61 8.98 32.85
CA SER B 581 -2.84 8.41 31.70
C SER B 581 -3.64 7.30 31.01
N GLN B 582 -4.71 6.76 31.60
CA GLN B 582 -5.58 5.74 30.95
C GLN B 582 -6.80 6.43 30.31
N LEU B 583 -7.00 6.29 28.99
CA LEU B 583 -8.08 6.98 28.27
C LEU B 583 -8.94 5.95 27.53
N SER B 584 -10.21 5.85 27.90
CA SER B 584 -11.22 5.04 27.17
CA SER B 584 -11.23 5.04 27.19
C SER B 584 -11.93 5.92 26.13
N LEU B 585 -11.88 5.52 24.86
CA LEU B 585 -12.59 6.17 23.73
C LEU B 585 -13.69 5.25 23.19
N GLU B 586 -14.86 5.80 22.97
CA GLU B 586 -15.97 5.14 22.29
C GLU B 586 -15.62 4.99 20.80
N ALA B 587 -16.27 4.05 20.13
CA ALA B 587 -16.20 3.96 18.64
C ALA B 587 -16.42 5.36 18.03
N GLY B 588 -15.51 5.81 17.18
CA GLY B 588 -15.70 7.05 16.41
C GLY B 588 -15.25 8.28 17.19
N GLU B 589 -15.00 8.17 18.49
CA GLU B 589 -14.73 9.34 19.34
C GLU B 589 -13.39 9.96 18.97
N ALA B 590 -13.35 11.28 18.88
CA ALA B 590 -12.12 12.01 18.53
C ALA B 590 -12.03 13.16 19.50
N LEU B 591 -10.83 13.41 19.97
CA LEU B 591 -10.47 14.50 20.89
C LEU B 591 -9.27 15.20 20.31
N VAL B 592 -9.26 16.52 20.41
CA VAL B 592 -8.00 17.31 20.37
C VAL B 592 -7.66 17.74 21.78
N LEU B 593 -6.49 17.35 22.30
CA LEU B 593 -6.00 17.81 23.63
C LEU B 593 -5.04 18.95 23.43
N LYS B 594 -5.14 19.97 24.29
CA LYS B 594 -4.15 21.07 24.39
C LYS B 594 -3.27 20.81 25.61
N ALA B 595 -1.96 20.81 25.41
CA ALA B 595 -1.00 20.43 26.48
C ALA B 595 0.13 21.44 26.48
N GLN B 596 0.81 21.56 27.62
CA GLN B 596 1.90 22.54 27.85
C GLN B 596 2.94 22.41 26.74
N PRO B 597 3.66 23.52 26.42
CA PRO B 597 4.70 23.48 25.41
C PRO B 597 5.81 22.46 25.72
N ILE B 598 6.46 21.98 24.65
CA ILE B 598 7.78 21.27 24.71
C ILE B 598 8.88 22.34 24.65
#